data_4OZ7
# 
_entry.id   4OZ7 
# 
_audit_conform.dict_name       mmcif_pdbx.dic 
_audit_conform.dict_version    5.398 
_audit_conform.dict_location   http://mmcif.pdb.org/dictionaries/ascii/mmcif_pdbx.dic 
# 
loop_
_database_2.database_id 
_database_2.database_code 
_database_2.pdbx_database_accession 
_database_2.pdbx_DOI 
PDB   4OZ7         pdb_00004oz7 10.2210/pdb4oz7/pdb 
WWPDB D_1000200303 ?            ?                   
# 
loop_
_pdbx_audit_revision_history.ordinal 
_pdbx_audit_revision_history.data_content_type 
_pdbx_audit_revision_history.major_revision 
_pdbx_audit_revision_history.minor_revision 
_pdbx_audit_revision_history.revision_date 
1 'Structure model' 1 0 2015-05-20 
2 'Structure model' 2 0 2023-11-15 
3 'Structure model' 2 1 2024-11-13 
# 
_pdbx_audit_revision_details.ordinal             1 
_pdbx_audit_revision_details.revision_ordinal    1 
_pdbx_audit_revision_details.data_content_type   'Structure model' 
_pdbx_audit_revision_details.provider            repository 
_pdbx_audit_revision_details.type                'Initial release' 
_pdbx_audit_revision_details.description         ? 
_pdbx_audit_revision_details.details             ? 
# 
loop_
_pdbx_audit_revision_group.ordinal 
_pdbx_audit_revision_group.revision_ordinal 
_pdbx_audit_revision_group.data_content_type 
_pdbx_audit_revision_group.group 
1 2 'Structure model' 'Atomic model'           
2 2 'Structure model' 'Data collection'        
3 2 'Structure model' 'Database references'    
4 2 'Structure model' 'Derived calculations'   
5 2 'Structure model' Other                    
6 2 'Structure model' 'Refinement description' 
7 2 'Structure model' 'Source and taxonomy'    
8 3 'Structure model' 'Structure summary'      
# 
loop_
_pdbx_audit_revision_category.ordinal 
_pdbx_audit_revision_category.revision_ordinal 
_pdbx_audit_revision_category.data_content_type 
_pdbx_audit_revision_category.category 
1  2 'Structure model' atom_site                      
2  2 'Structure model' chem_comp_atom                 
3  2 'Structure model' chem_comp_bond                 
4  2 'Structure model' citation                       
5  2 'Structure model' database_2                     
6  2 'Structure model' entity_src_nat                 
7  2 'Structure model' pdbx_database_status           
8  2 'Structure model' pdbx_struct_assembly           
9  2 'Structure model' pdbx_struct_conn_angle         
10 2 'Structure model' pdbx_struct_oper_list          
11 2 'Structure model' pdbx_validate_main_chain_plane 
12 2 'Structure model' pdbx_validate_rmsd_angle       
13 2 'Structure model' refine_hist                    
14 2 'Structure model' struct_conn                    
15 3 'Structure model' pdbx_entry_details             
16 3 'Structure model' pdbx_modification_feature      
# 
loop_
_pdbx_audit_revision_item.ordinal 
_pdbx_audit_revision_item.revision_ordinal 
_pdbx_audit_revision_item.data_content_type 
_pdbx_audit_revision_item.item 
1  2 'Structure model' '_atom_site.auth_atom_id'                     
2  2 'Structure model' '_atom_site.label_atom_id'                    
3  2 'Structure model' '_citation.journal_id_CSD'                    
4  2 'Structure model' '_database_2.pdbx_DOI'                        
5  2 'Structure model' '_database_2.pdbx_database_accession'         
6  2 'Structure model' '_entity_src_nat.pdbx_alt_source_flag'        
7  2 'Structure model' '_pdbx_database_status.pdb_format_compatible' 
8  2 'Structure model' '_pdbx_struct_assembly.oligomeric_details'    
9  2 'Structure model' '_pdbx_struct_oper_list.symmetry_operation'   
10 2 'Structure model' '_refine_hist.number_atoms_solvent'           
11 2 'Structure model' '_refine_hist.pdbx_number_atoms_ligand'       
12 2 'Structure model' '_refine_hist.pdbx_number_atoms_nucleic_acid' 
13 2 'Structure model' '_refine_hist.pdbx_number_atoms_protein'      
14 2 'Structure model' '_struct_conn.conn_type_id'                   
15 2 'Structure model' '_struct_conn.id'                             
16 2 'Structure model' '_struct_conn.pdbx_dist_value'                
17 2 'Structure model' '_struct_conn.pdbx_leaving_atom_flag'         
18 2 'Structure model' '_struct_conn.ptnr1_auth_asym_id'             
19 2 'Structure model' '_struct_conn.ptnr1_auth_comp_id'             
20 2 'Structure model' '_struct_conn.ptnr1_auth_seq_id'              
21 2 'Structure model' '_struct_conn.ptnr1_label_asym_id'            
22 2 'Structure model' '_struct_conn.ptnr1_label_atom_id'            
23 2 'Structure model' '_struct_conn.ptnr1_label_comp_id'            
24 2 'Structure model' '_struct_conn.ptnr1_label_seq_id'             
25 2 'Structure model' '_struct_conn.ptnr1_symmetry'                 
26 2 'Structure model' '_struct_conn.ptnr2_auth_asym_id'             
27 2 'Structure model' '_struct_conn.ptnr2_auth_comp_id'             
28 2 'Structure model' '_struct_conn.ptnr2_auth_seq_id'              
29 2 'Structure model' '_struct_conn.ptnr2_label_asym_id'            
30 2 'Structure model' '_struct_conn.ptnr2_label_atom_id'            
31 2 'Structure model' '_struct_conn.ptnr2_label_comp_id'            
32 2 'Structure model' '_struct_conn.ptnr2_label_seq_id'             
33 2 'Structure model' '_struct_conn.ptnr2_symmetry'                 
# 
_pdbx_database_status.status_code                     REL 
_pdbx_database_status.status_code_sf                  REL 
_pdbx_database_status.status_code_mr                  . 
_pdbx_database_status.entry_id                        4OZ7 
_pdbx_database_status.recvd_initial_deposition_date   2014-02-14 
_pdbx_database_status.SG_entry                        N 
_pdbx_database_status.deposit_site                    RCSB 
_pdbx_database_status.process_site                    RCSB 
_pdbx_database_status.status_code_cs                  . 
_pdbx_database_status.methods_development_category    . 
_pdbx_database_status.status_code_nmr_data            ? 
_pdbx_database_status.pdb_format_compatible           Y 
# 
_pdbx_database_related.content_type   unspecified 
_pdbx_database_related.db_id          4OZ8 
_pdbx_database_related.db_name        PDB 
_pdbx_database_related.details        . 
# 
loop_
_audit_author.name 
_audit_author.pdbx_ordinal 
'El Ghazouani, A.' 1 
'Basle, A.'        2 
'Dennison, C.'     3 
# 
_citation.abstract                  . 
_citation.abstract_id_CAS           . 
_citation.book_id_ISBN              . 
_citation.book_publisher            . 
_citation.book_publisher_city       . 
_citation.book_title                . 
_citation.coordinate_linkage        . 
_citation.country                   ? 
_citation.database_id_Medline       . 
_citation.details                   . 
_citation.id                        primary 
_citation.journal_abbrev            'To Be Published' 
_citation.journal_id_ASTM           ? 
_citation.journal_id_CSD            0353 
_citation.journal_id_ISSN           ? 
_citation.journal_full              . 
_citation.journal_issue             . 
_citation.journal_volume            . 
_citation.language                  . 
_citation.page_first                . 
_citation.page_last                 . 
_citation.title                     
;Methanobactin production by methanotrophic bacteria and their structural diversity from Methylosinus strains: Insights into copper release
;
_citation.year                      . 
_citation.database_id_CSD           . 
_citation.pdbx_database_id_DOI      . 
_citation.pdbx_database_id_PubMed   . 
_citation.unpublished_flag          . 
# 
loop_
_citation_author.citation_id 
_citation_author.name 
_citation_author.ordinal 
_citation_author.identifier_ORCID 
primary 'El Ghazouani, A.' 1 ? 
primary 'Basle, A.'        2 ? 
primary 'Dennison, C.'     3 ? 
# 
loop_
_entity.id 
_entity.type 
_entity.src_method 
_entity.pdbx_description 
_entity.formula_weight 
_entity.pdbx_number_of_molecules 
_entity.pdbx_ec 
_entity.pdbx_mutation 
_entity.pdbx_fragment 
_entity.details 
1 polymer     nat Methanobactin    1126.311 2  ? ? ? ? 
2 non-polymer syn 'COPPER (I) ION' 63.546   2  ? ? ? ? 
3 water       nat water            18.015   25 ? ? ? ? 
# 
_entity_poly.entity_id                      1 
_entity_poly.type                           'polypeptide(L)' 
_entity_poly.nstd_linkage                   no 
_entity_poly.nstd_monomer                   yes 
_entity_poly.pdbx_seq_one_letter_code       '(22Q)ASCS(22W)GPNC' 
_entity_poly.pdbx_seq_one_letter_code_can   XASCSXGPNC 
_entity_poly.pdbx_strand_id                 A,B 
_entity_poly.pdbx_target_identifier         ? 
# 
loop_
_pdbx_entity_nonpoly.entity_id 
_pdbx_entity_nonpoly.name 
_pdbx_entity_nonpoly.comp_id 
2 'COPPER (I) ION' CU1 
3 water            HOH 
# 
loop_
_entity_poly_seq.entity_id 
_entity_poly_seq.num 
_entity_poly_seq.mon_id 
_entity_poly_seq.hetero 
1 1  22Q n 
1 2  ALA n 
1 3  SER n 
1 4  CYS n 
1 5  SER n 
1 6  22W n 
1 7  GLY n 
1 8  PRO n 
1 9  ASN n 
1 10 CYS n 
# 
_entity_src_nat.entity_id                  1 
_entity_src_nat.pdbx_src_id                1 
_entity_src_nat.pdbx_alt_source_flag       sample 
_entity_src_nat.pdbx_beg_seq_num           1 
_entity_src_nat.pdbx_end_seq_num           10 
_entity_src_nat.common_name                ? 
_entity_src_nat.pdbx_organism_scientific   'Methylosinus sporium' 
_entity_src_nat.pdbx_ncbi_taxonomy_id      428 
_entity_src_nat.genus                      ? 
_entity_src_nat.species                    ? 
_entity_src_nat.strain                     NR3K 
_entity_src_nat.tissue                     ? 
_entity_src_nat.tissue_fraction            ? 
_entity_src_nat.pdbx_secretion             ? 
_entity_src_nat.pdbx_fragment              ? 
_entity_src_nat.pdbx_variant               ? 
_entity_src_nat.pdbx_cell_line             ? 
_entity_src_nat.pdbx_atcc                  ? 
_entity_src_nat.pdbx_cellular_location     ? 
_entity_src_nat.pdbx_organ                 ? 
_entity_src_nat.pdbx_organelle             ? 
_entity_src_nat.pdbx_cell                  ? 
_entity_src_nat.pdbx_plasmid_name          ? 
_entity_src_nat.pdbx_plasmid_details       ? 
_entity_src_nat.details                    ? 
# 
loop_
_chem_comp.id 
_chem_comp.type 
_chem_comp.mon_nstd_flag 
_chem_comp.name 
_chem_comp.pdbx_synonyms 
_chem_comp.formula 
_chem_comp.formula_weight 
22Q non-polymer         . '(3Z)-5-(2-methylpropyl)-3-(sulfanylmethylidene)pyrazine-2,6(1H,3H)-dione'     ? 'C9 H12 N2 O2 S' 
212.269 
22W non-polymer         . '2-[(1S,2S)-1-amino-2-methylbutyl]-4-(thioxomethylidene)-1,3-oxazol-5(4H)-one' ? 'C9 H12 N2 O2 S' 
212.269 
ALA 'L-peptide linking' y ALANINE                                                                        ? 'C3 H7 N O2'     89.093 
ASN 'L-peptide linking' y ASPARAGINE                                                                     ? 'C4 H8 N2 O3'    
132.118 
CU1 non-polymer         . 'COPPER (I) ION'                                                               ? 'Cu 1'           63.546 
CYS 'L-peptide linking' y CYSTEINE                                                                       ? 'C3 H7 N O2 S'   
121.158 
GLY 'peptide linking'   y GLYCINE                                                                        ? 'C2 H5 N O2'     75.067 
HOH non-polymer         . WATER                                                                          ? 'H2 O'           18.015 
PRO 'L-peptide linking' y PROLINE                                                                        ? 'C5 H9 N O2'     
115.130 
SER 'L-peptide linking' y SERINE                                                                         ? 'C3 H7 N O3'     
105.093 
# 
loop_
_pdbx_poly_seq_scheme.asym_id 
_pdbx_poly_seq_scheme.entity_id 
_pdbx_poly_seq_scheme.seq_id 
_pdbx_poly_seq_scheme.mon_id 
_pdbx_poly_seq_scheme.ndb_seq_num 
_pdbx_poly_seq_scheme.pdb_seq_num 
_pdbx_poly_seq_scheme.auth_seq_num 
_pdbx_poly_seq_scheme.pdb_mon_id 
_pdbx_poly_seq_scheme.auth_mon_id 
_pdbx_poly_seq_scheme.pdb_strand_id 
_pdbx_poly_seq_scheme.pdb_ins_code 
_pdbx_poly_seq_scheme.hetero 
A 1 1  22Q 1  1  1  22Q UN1 A . n 
A 1 2  ALA 2  2  2  ALA ALA A . n 
A 1 3  SER 3  3  3  SER SER A . n 
A 1 4  CYS 4  4  4  CYS CYS A . n 
A 1 5  SER 5  5  5  SER SER A . n 
A 1 6  22W 6  6  6  22W UN6 A . n 
A 1 7  GLY 7  7  7  GLY GLY A . n 
A 1 8  PRO 8  8  8  PRO PRO A . n 
A 1 9  ASN 9  9  9  ASN ASN A . n 
A 1 10 CYS 10 10 10 CYS CYS A . n 
B 1 1  22Q 1  1  1  22Q UN1 B . n 
B 1 2  ALA 2  2  2  ALA ALA B . n 
B 1 3  SER 3  3  3  SER SER B . n 
B 1 4  CYS 4  4  4  CYS CYS B . n 
B 1 5  SER 5  5  5  SER SER B . n 
B 1 6  22W 6  6  6  22W UN6 B . n 
B 1 7  GLY 7  7  7  GLY GLY B . n 
B 1 8  PRO 8  8  8  PRO PRO B . n 
B 1 9  ASN 9  9  9  ASN ASN B . n 
B 1 10 CYS 10 10 10 CYS CYS B . n 
# 
loop_
_pdbx_nonpoly_scheme.asym_id 
_pdbx_nonpoly_scheme.entity_id 
_pdbx_nonpoly_scheme.mon_id 
_pdbx_nonpoly_scheme.ndb_seq_num 
_pdbx_nonpoly_scheme.pdb_seq_num 
_pdbx_nonpoly_scheme.auth_seq_num 
_pdbx_nonpoly_scheme.pdb_mon_id 
_pdbx_nonpoly_scheme.auth_mon_id 
_pdbx_nonpoly_scheme.pdb_strand_id 
_pdbx_nonpoly_scheme.pdb_ins_code 
C 2 CU1 1  101 1  CU1 CU  A . 
D 2 CU1 1  101 2  CU1 CU  B . 
E 3 HOH 1  201 3  HOH HOH A . 
E 3 HOH 2  202 7  HOH HOH A . 
E 3 HOH 3  203 21 HOH HOH A . 
E 3 HOH 4  204 10 HOH HOH A . 
E 3 HOH 5  205 18 HOH HOH A . 
E 3 HOH 6  206 2  HOH HOH A . 
E 3 HOH 7  207 8  HOH HOH A . 
E 3 HOH 8  208 4  HOH HOH A . 
E 3 HOH 9  209 19 HOH HOH A . 
E 3 HOH 10 210 20 HOH HOH A . 
F 3 HOH 1  201 6  HOH HOH B . 
F 3 HOH 2  202 5  HOH HOH B . 
F 3 HOH 3  203 1  HOH HOH B . 
F 3 HOH 4  204 17 HOH HOH B . 
F 3 HOH 5  205 24 HOH HOH B . 
F 3 HOH 6  206 13 HOH HOH B . 
F 3 HOH 7  207 14 HOH HOH B . 
F 3 HOH 8  208 25 HOH HOH B . 
F 3 HOH 9  209 23 HOH HOH B . 
F 3 HOH 10 210 9  HOH HOH B . 
F 3 HOH 11 211 11 HOH HOH B . 
F 3 HOH 12 212 12 HOH HOH B . 
F 3 HOH 13 213 15 HOH HOH B . 
F 3 HOH 14 214 16 HOH HOH B . 
F 3 HOH 15 215 22 HOH HOH B . 
# 
_software.citation_id            ? 
_software.classification         refinement 
_software.compiler_name          . 
_software.compiler_version       . 
_software.contact_author         . 
_software.contact_author_email   . 
_software.date                   . 
_software.description            . 
_software.dependencies           . 
_software.hardware               . 
_software.language               . 
_software.location               . 
_software.mods                   . 
_software.name                   REFMAC 
_software.os                     . 
_software.os_version             . 
_software.type                   . 
_software.version                5.8.0049 
_software.pdbx_ordinal           1 
# 
_cell.entry_id           4OZ7 
_cell.length_a           36.720 
_cell.length_b           39.420 
_cell.length_c           40.240 
_cell.angle_alpha        90.00 
_cell.angle_beta         90.00 
_cell.angle_gamma        90.00 
_cell.Z_PDB              16 
_cell.pdbx_unique_axis   ? 
# 
_symmetry.entry_id                         4OZ7 
_symmetry.cell_setting                     . 
_symmetry.Int_Tables_number                23 
_symmetry.space_group_name_Hall            . 
_symmetry.space_group_name_H-M             'I 2 2 2' 
_symmetry.pdbx_full_space_group_name_H-M   . 
# 
_exptl.absorpt_coefficient_mu     . 
_exptl.absorpt_correction_T_max   . 
_exptl.absorpt_correction_T_min   . 
_exptl.absorpt_correction_type    . 
_exptl.absorpt_process_details    . 
_exptl.entry_id                   4OZ7 
_exptl.crystals_number            . 
_exptl.details                    . 
_exptl.method                     'X-RAY DIFFRACTION' 
_exptl.method_details             . 
# 
_exptl_crystal.colour                      . 
_exptl_crystal.density_diffrn              . 
_exptl_crystal.density_Matthews            2.65 
_exptl_crystal.density_method              . 
_exptl_crystal.density_percent_sol         53.58 
_exptl_crystal.description                 . 
_exptl_crystal.F_000                       . 
_exptl_crystal.id                          1 
_exptl_crystal.preparation                 . 
_exptl_crystal.size_max                    . 
_exptl_crystal.size_mid                    . 
_exptl_crystal.size_min                    . 
_exptl_crystal.size_rad                    . 
_exptl_crystal.colour_lustre               . 
_exptl_crystal.colour_modifier             . 
_exptl_crystal.colour_primary              . 
_exptl_crystal.density_meas                . 
_exptl_crystal.density_meas_esd            . 
_exptl_crystal.density_meas_gt             . 
_exptl_crystal.density_meas_lt             . 
_exptl_crystal.density_meas_temp           . 
_exptl_crystal.density_meas_temp_esd       . 
_exptl_crystal.density_meas_temp_gt        . 
_exptl_crystal.density_meas_temp_lt        . 
_exptl_crystal.pdbx_crystal_image_url      . 
_exptl_crystal.pdbx_crystal_image_format   . 
_exptl_crystal.pdbx_mosaicity              . 
_exptl_crystal.pdbx_mosaicity_esd          . 
# 
_exptl_crystal_grow.apparatus       . 
_exptl_crystal_grow.atmosphere      . 
_exptl_crystal_grow.crystal_id      1 
_exptl_crystal_grow.details         . 
_exptl_crystal_grow.method          'VAPOR DIFFUSION, HANGING DROP' 
_exptl_crystal_grow.method_ref      . 
_exptl_crystal_grow.pH              7 
_exptl_crystal_grow.pressure        . 
_exptl_crystal_grow.pressure_esd    . 
_exptl_crystal_grow.seeding         . 
_exptl_crystal_grow.seeding_ref     . 
_exptl_crystal_grow.temp            293 
_exptl_crystal_grow.temp_details    . 
_exptl_crystal_grow.temp_esd        . 
_exptl_crystal_grow.time            . 
_exptl_crystal_grow.pdbx_details    
;1.1 M Sodium Malonate, 100 mM Hepes pH 7.0, 0.5% v/v Jeffamine ED-2001, 0.5% w/v Octyl-beta-D-glucoside, Crystal were cryoprotected with the above condition supplemented with 20% glycerol.
;
_exptl_crystal_grow.pdbx_pH_range   7 
# 
_diffrn.ambient_environment    . 
_diffrn.ambient_temp           100 
_diffrn.ambient_temp_details   . 
_diffrn.ambient_temp_esd       . 
_diffrn.crystal_id             1 
_diffrn.crystal_support        . 
_diffrn.crystal_treatment      . 
_diffrn.details                . 
_diffrn.id                     1 
_diffrn.ambient_pressure       . 
_diffrn.ambient_pressure_esd   . 
_diffrn.ambient_pressure_gt    . 
_diffrn.ambient_pressure_lt    . 
_diffrn.ambient_temp_gt        . 
_diffrn.ambient_temp_lt        . 
# 
_diffrn_detector.details                      . 
_diffrn_detector.detector                     CCD 
_diffrn_detector.diffrn_id                    1 
_diffrn_detector.type                         'MAR CCD 165 mm' 
_diffrn_detector.area_resol_mean              . 
_diffrn_detector.dtime                        . 
_diffrn_detector.pdbx_frames_total            . 
_diffrn_detector.pdbx_collection_time_total   . 
_diffrn_detector.pdbx_collection_date         2009-11-21 
# 
_diffrn_radiation.collimation                      . 
_diffrn_radiation.diffrn_id                        1 
_diffrn_radiation.filter_edge                      . 
_diffrn_radiation.inhomogeneity                    . 
_diffrn_radiation.monochromator                    . 
_diffrn_radiation.polarisn_norm                    . 
_diffrn_radiation.polarisn_ratio                   . 
_diffrn_radiation.probe                            . 
_diffrn_radiation.type                             . 
_diffrn_radiation.xray_symbol                      . 
_diffrn_radiation.wavelength_id                    1 
_diffrn_radiation.pdbx_monochromatic_or_laue_m_l   . 
_diffrn_radiation.pdbx_wavelength_list             . 
_diffrn_radiation.pdbx_wavelength                  . 
_diffrn_radiation.pdbx_diffrn_protocol             'SINGLE WAVELENGTH' 
_diffrn_radiation.pdbx_analyzer                    . 
_diffrn_radiation.pdbx_scattering_type             x-ray 
# 
_diffrn_radiation_wavelength.id           1 
_diffrn_radiation_wavelength.wavelength   0.98 
_diffrn_radiation_wavelength.wt           1.0 
# 
_diffrn_source.current                     . 
_diffrn_source.details                     . 
_diffrn_source.diffrn_id                   1 
_diffrn_source.power                       . 
_diffrn_source.size                        . 
_diffrn_source.source                      SYNCHROTRON 
_diffrn_source.target                      . 
_diffrn_source.type                        'ESRF BEAMLINE ID29' 
_diffrn_source.voltage                     . 
_diffrn_source.take-off_angle              . 
_diffrn_source.pdbx_wavelength_list        0.98 
_diffrn_source.pdbx_wavelength             . 
_diffrn_source.pdbx_synchrotron_beamline   ID29 
_diffrn_source.pdbx_synchrotron_site       ESRF 
# 
_reflns.B_iso_Wilson_estimate            17.1 
_reflns.entry_id                         4OZ7 
_reflns.data_reduction_details           . 
_reflns.data_reduction_method            . 
_reflns.d_resolution_high                1.65 
_reflns.d_resolution_low                 28.16 
_reflns.details                          . 
_reflns.limit_h_max                      . 
_reflns.limit_h_min                      . 
_reflns.limit_k_max                      . 
_reflns.limit_k_min                      . 
_reflns.limit_l_max                      . 
_reflns.limit_l_min                      . 
_reflns.number_all                       . 
_reflns.number_obs                       3677 
_reflns.observed_criterion               . 
_reflns.observed_criterion_F_max         . 
_reflns.observed_criterion_F_min         . 
_reflns.observed_criterion_I_max         . 
_reflns.observed_criterion_I_min         . 
_reflns.observed_criterion_sigma_F       . 
_reflns.observed_criterion_sigma_I       2.0 
_reflns.percent_possible_obs             99 
_reflns.R_free_details                   . 
_reflns.Rmerge_F_all                     . 
_reflns.Rmerge_F_obs                     . 
_reflns.Friedel_coverage                 . 
_reflns.number_gt                        . 
_reflns.threshold_expression             . 
_reflns.pdbx_redundancy                  6 
_reflns.pdbx_Rmerge_I_obs                0.087 
_reflns.pdbx_Rmerge_I_all                . 
_reflns.pdbx_Rsym_value                  . 
_reflns.pdbx_netI_over_av_sigmaI         . 
_reflns.pdbx_netI_over_sigmaI            11.3 
_reflns.pdbx_res_netI_over_av_sigmaI_2   . 
_reflns.pdbx_res_netI_over_sigmaI_2      . 
_reflns.pdbx_chi_squared                 . 
_reflns.pdbx_scaling_rejects             . 
_reflns.pdbx_d_res_high_opt              . 
_reflns.pdbx_d_res_low_opt               . 
_reflns.pdbx_d_res_opt_method            . 
_reflns.phase_calculation_details        . 
_reflns.pdbx_Rrim_I_all                  . 
_reflns.pdbx_Rpim_I_all                  . 
_reflns.pdbx_d_opt                       . 
_reflns.pdbx_number_measured_all         . 
_reflns.pdbx_diffrn_id                   1 
_reflns.pdbx_ordinal                     1 
# 
_reflns_shell.d_res_high                  1.65 
_reflns_shell.d_res_low                   1.74 
_reflns_shell.meanI_over_sigI_all         . 
_reflns_shell.meanI_over_sigI_obs         3.4 
_reflns_shell.number_measured_all         . 
_reflns_shell.number_measured_obs         . 
_reflns_shell.number_possible             . 
_reflns_shell.number_unique_all           . 
_reflns_shell.number_unique_obs           . 
_reflns_shell.percent_possible_all        94.1 
_reflns_shell.percent_possible_obs        . 
_reflns_shell.Rmerge_F_all                . 
_reflns_shell.Rmerge_F_obs                . 
_reflns_shell.Rmerge_I_all                . 
_reflns_shell.Rmerge_I_obs                0.342 
_reflns_shell.meanI_over_sigI_gt          . 
_reflns_shell.meanI_over_uI_all           . 
_reflns_shell.meanI_over_uI_gt            . 
_reflns_shell.number_measured_gt          . 
_reflns_shell.number_unique_gt            . 
_reflns_shell.percent_possible_gt         . 
_reflns_shell.Rmerge_F_gt                 . 
_reflns_shell.Rmerge_I_gt                 . 
_reflns_shell.pdbx_redundancy             4.4 
_reflns_shell.pdbx_Rsym_value             . 
_reflns_shell.pdbx_chi_squared            . 
_reflns_shell.pdbx_netI_over_sigmaI_all   . 
_reflns_shell.pdbx_netI_over_sigmaI_obs   . 
_reflns_shell.pdbx_Rrim_I_all             . 
_reflns_shell.pdbx_Rpim_I_all             . 
_reflns_shell.pdbx_rejects                . 
_reflns_shell.pdbx_ordinal                1 
_reflns_shell.pdbx_diffrn_id              1 
# 
_refine.aniso_B[1][1]                            -0.95 
_refine.aniso_B[1][2]                            0.00 
_refine.aniso_B[1][3]                            0.00 
_refine.aniso_B[2][2]                            2.45 
_refine.aniso_B[2][3]                            0.00 
_refine.aniso_B[3][3]                            -1.50 
_refine.B_iso_max                                . 
_refine.B_iso_mean                               25.441 
_refine.B_iso_min                                . 
_refine.correlation_coeff_Fo_to_Fc               0.935 
_refine.correlation_coeff_Fo_to_Fc_free          0.912 
_refine.details                                  'HYDROGENS HAVE BEEN USED IF PRESENT IN THE INPUT' 
_refine.diff_density_max                         . 
_refine.diff_density_max_esd                     . 
_refine.diff_density_min                         . 
_refine.diff_density_min_esd                     . 
_refine.diff_density_rms                         . 
_refine.diff_density_rms_esd                     . 
_refine.entry_id                                 4OZ7 
_refine.pdbx_refine_id                           'X-RAY DIFFRACTION' 
_refine.ls_abs_structure_details                 . 
_refine.ls_abs_structure_Flack                   . 
_refine.ls_abs_structure_Flack_esd               . 
_refine.ls_abs_structure_Rogers                  . 
_refine.ls_abs_structure_Rogers_esd              . 
_refine.ls_d_res_high                            1.65 
_refine.ls_d_res_low                             28.16 
_refine.ls_extinction_coef                       . 
_refine.ls_extinction_coef_esd                   . 
_refine.ls_extinction_expression                 . 
_refine.ls_extinction_method                     . 
_refine.ls_goodness_of_fit_all                   . 
_refine.ls_goodness_of_fit_all_esd               . 
_refine.ls_goodness_of_fit_obs                   . 
_refine.ls_goodness_of_fit_obs_esd               . 
_refine.ls_hydrogen_treatment                    . 
_refine.ls_matrix_type                           . 
_refine.ls_number_constraints                    . 
_refine.ls_number_parameters                     . 
_refine.ls_number_reflns_all                     . 
_refine.ls_number_reflns_obs                     3512 
_refine.ls_number_reflns_R_free                  164 
_refine.ls_number_reflns_R_work                  . 
_refine.ls_number_restraints                     . 
_refine.ls_percent_reflns_obs                    98.61 
_refine.ls_percent_reflns_R_free                 4.5 
_refine.ls_R_factor_all                          . 
_refine.ls_R_factor_obs                          0.22216 
_refine.ls_R_factor_R_free                       0.25070 
_refine.ls_R_factor_R_free_error                 . 
_refine.ls_R_factor_R_free_error_details         . 
_refine.ls_R_factor_R_work                       0.22077 
_refine.ls_R_Fsqd_factor_obs                     . 
_refine.ls_R_I_factor_obs                        . 
_refine.ls_redundancy_reflns_all                 . 
_refine.ls_redundancy_reflns_obs                 . 
_refine.ls_restrained_S_all                      . 
_refine.ls_restrained_S_obs                      . 
_refine.ls_shift_over_esd_max                    . 
_refine.ls_shift_over_esd_mean                   . 
_refine.ls_structure_factor_coef                 . 
_refine.ls_weighting_details                     . 
_refine.ls_weighting_scheme                      . 
_refine.ls_wR_factor_all                         . 
_refine.ls_wR_factor_obs                         . 
_refine.ls_wR_factor_R_free                      . 
_refine.ls_wR_factor_R_work                      . 
_refine.occupancy_max                            . 
_refine.occupancy_min                            . 
_refine.overall_SU_B                             2.187 
_refine.overall_SU_ML                            0.069 
_refine.overall_SU_R_Cruickshank_DPI             . 
_refine.overall_SU_R_free                        . 
_refine.overall_FOM_free_R_set                   . 
_refine.overall_FOM_work_R_set                   . 
_refine.solvent_model_details                    MASK 
_refine.solvent_model_param_bsol                 . 
_refine.solvent_model_param_ksol                 . 
_refine.ls_R_factor_gt                           . 
_refine.ls_goodness_of_fit_gt                    . 
_refine.ls_goodness_of_fit_ref                   . 
_refine.ls_shift_over_su_max                     . 
_refine.ls_shift_over_su_max_lt                  . 
_refine.ls_shift_over_su_mean                    . 
_refine.ls_shift_over_su_mean_lt                 . 
_refine.pdbx_ls_sigma_I                          . 
_refine.pdbx_ls_sigma_F                          . 
_refine.pdbx_ls_sigma_Fsqd                       . 
_refine.pdbx_data_cutoff_high_absF               . 
_refine.pdbx_data_cutoff_high_rms_absF           . 
_refine.pdbx_data_cutoff_low_absF                . 
_refine.pdbx_isotropic_thermal_model             . 
_refine.pdbx_ls_cross_valid_method               THROUGHOUT 
_refine.pdbx_method_to_determine_struct          SAD 
_refine.pdbx_starting_model                      . 
_refine.pdbx_stereochemistry_target_values       'MAXIMUM LIKELIHOOD' 
_refine.pdbx_R_Free_selection_details            RANDOM 
_refine.pdbx_stereochem_target_val_spec_case     . 
_refine.pdbx_overall_ESU_R                       0.095 
_refine.pdbx_overall_ESU_R_Free                  0.096 
_refine.pdbx_solvent_vdw_probe_radii             1.20 
_refine.pdbx_solvent_ion_probe_radii             0.80 
_refine.pdbx_solvent_shrinkage_radii             0.80 
_refine.pdbx_real_space_R                        . 
_refine.pdbx_density_correlation                 . 
_refine.pdbx_pd_number_of_powder_patterns        . 
_refine.pdbx_pd_number_of_points                 . 
_refine.pdbx_pd_meas_number_of_points            . 
_refine.pdbx_pd_proc_ls_prof_R_factor            . 
_refine.pdbx_pd_proc_ls_prof_wR_factor           . 
_refine.pdbx_pd_Marquardt_correlation_coeff      . 
_refine.pdbx_pd_Fsqrd_R_factor                   . 
_refine.pdbx_pd_ls_matrix_band_width             . 
_refine.pdbx_overall_phase_error                 . 
_refine.pdbx_overall_SU_R_free_Cruickshank_DPI   . 
_refine.pdbx_overall_SU_R_free_Blow_DPI          . 
_refine.pdbx_overall_SU_R_Blow_DPI               . 
_refine.pdbx_TLS_residual_ADP_flag               . 
_refine.pdbx_diffrn_id                           1 
# 
_refine_hist.pdbx_refine_id                   'X-RAY DIFFRACTION' 
_refine_hist.cycle_id                         1 
_refine_hist.pdbx_number_atoms_protein        154 
_refine_hist.pdbx_number_atoms_nucleic_acid   0 
_refine_hist.pdbx_number_atoms_ligand         2 
_refine_hist.number_atoms_solvent             25 
_refine_hist.number_atoms_total               181 
_refine_hist.d_res_high                       1.65 
_refine_hist.d_res_low                        28.16 
# 
loop_
_refine_ls_restr.pdbx_refine_id 
_refine_ls_restr.criterion 
_refine_ls_restr.dev_ideal 
_refine_ls_restr.dev_ideal_target 
_refine_ls_restr.number 
_refine_ls_restr.rejects 
_refine_ls_restr.type 
_refine_ls_restr.weight 
_refine_ls_restr.pdbx_restraint_function 
'X-RAY DIFFRACTION' . 0.012  0.021  160 . r_bond_refined_d             . . 
'X-RAY DIFFRACTION' . .      .      .   . r_bond_other_d               . . 
'X-RAY DIFFRACTION' . 2.859  2.363  206 . r_angle_refined_deg          . . 
'X-RAY DIFFRACTION' . .      .      .   . r_angle_other_deg            . . 
'X-RAY DIFFRACTION' . 4.046  5.000  12  . r_dihedral_angle_1_deg       . . 
'X-RAY DIFFRACTION' . 34.537 30.000 2   . r_dihedral_angle_2_deg       . . 
'X-RAY DIFFRACTION' . 9.969  15.000 10  . r_dihedral_angle_3_deg       . . 
'X-RAY DIFFRACTION' . .      .      .   . r_dihedral_angle_4_deg       . . 
'X-RAY DIFFRACTION' . 0.080  0.200  22  . r_chiral_restr               . . 
'X-RAY DIFFRACTION' . 0.004  0.022  108 . r_gen_planes_refined         . . 
'X-RAY DIFFRACTION' . .      .      .   . r_gen_planes_other           . . 
'X-RAY DIFFRACTION' . .      .      .   . r_nbd_refined                . . 
'X-RAY DIFFRACTION' . .      .      .   . r_nbd_other                  . . 
'X-RAY DIFFRACTION' . .      .      .   . r_nbtor_refined              . . 
'X-RAY DIFFRACTION' . .      .      .   . r_nbtor_other                . . 
'X-RAY DIFFRACTION' . .      .      .   . r_xyhbond_nbd_refined        . . 
'X-RAY DIFFRACTION' . .      .      .   . r_xyhbond_nbd_other          . . 
'X-RAY DIFFRACTION' . .      .      .   . r_metal_ion_refined          . . 
'X-RAY DIFFRACTION' . .      .      .   . r_metal_ion_other            . . 
'X-RAY DIFFRACTION' . .      .      .   . r_symmetry_vdw_refined       . . 
'X-RAY DIFFRACTION' . .      .      .   . r_symmetry_vdw_other         . . 
'X-RAY DIFFRACTION' . .      .      .   . r_symmetry_hbond_refined     . . 
'X-RAY DIFFRACTION' . .      .      .   . r_symmetry_hbond_other       . . 
'X-RAY DIFFRACTION' . .      .      .   . r_symmetry_metal_ion_refined . . 
'X-RAY DIFFRACTION' . .      .      .   . r_symmetry_metal_ion_other   . . 
'X-RAY DIFFRACTION' . 0.795  2.352  71  . r_mcbond_it                  . . 
'X-RAY DIFFRACTION' . .      .      .   . r_mcbond_other               . . 
'X-RAY DIFFRACTION' . 1.281  3.574  72  . r_mcangle_it                 . . 
'X-RAY DIFFRACTION' . .      .      .   . r_mcangle_other              . . 
'X-RAY DIFFRACTION' . 0.842  2.285  88  . r_scbond_it                  . . 
'X-RAY DIFFRACTION' . .      .      .   . r_scbond_other               . . 
'X-RAY DIFFRACTION' . .      .      .   . r_scangle_it                 . . 
'X-RAY DIFFRACTION' . .      .      .   . r_scangle_other              . . 
'X-RAY DIFFRACTION' . 3.993  22.208 236 . r_long_range_B_refined       . . 
'X-RAY DIFFRACTION' . .      .      .   . r_long_range_B_other         . . 
'X-RAY DIFFRACTION' . .      .      .   . r_rigid_bond_restr           . . 
'X-RAY DIFFRACTION' . .      .      .   . r_sphericity_free            . . 
'X-RAY DIFFRACTION' . .      .      .   . r_sphericity_bonded          . . 
# 
_refine_ls_shell.pdbx_refine_id                   'X-RAY DIFFRACTION' 
_refine_ls_shell.d_res_high                       1.650 
_refine_ls_shell.d_res_low                        1.693 
_refine_ls_shell.number_reflns_all                . 
_refine_ls_shell.number_reflns_obs                . 
_refine_ls_shell.number_reflns_R_free             12 
_refine_ls_shell.number_reflns_R_work             233 
_refine_ls_shell.percent_reflns_obs               91.08 
_refine_ls_shell.percent_reflns_R_free            . 
_refine_ls_shell.R_factor_all                     . 
_refine_ls_shell.R_factor_obs                     . 
_refine_ls_shell.R_factor_R_free                  0.130 
_refine_ls_shell.R_factor_R_free_error            . 
_refine_ls_shell.R_factor_R_work                  0.243 
_refine_ls_shell.redundancy_reflns_all            . 
_refine_ls_shell.redundancy_reflns_obs            . 
_refine_ls_shell.wR_factor_all                    . 
_refine_ls_shell.wR_factor_obs                    . 
_refine_ls_shell.wR_factor_R_free                 . 
_refine_ls_shell.wR_factor_R_work                 . 
_refine_ls_shell.pdbx_total_number_of_bins_used   20 
_refine_ls_shell.pdbx_phase_error                 . 
# 
_struct.entry_id                     4OZ7 
_struct.title                        
;Methanobactin production by methanotrophic bacteria and their structural diversity from Methylosinus strains: Insights into copper release
;
_struct.pdbx_model_details           . 
_struct.pdbx_formula_weight          . 
_struct.pdbx_formula_weight_method   . 
_struct.pdbx_model_type_details      . 
_struct.pdbx_CASP_flag               . 
# 
_struct_keywords.entry_id        4OZ7 
_struct_keywords.text            'copper uptake, particulate methane monooxygenase, OXIDOREDUCTASE' 
_struct_keywords.pdbx_keywords   OXIDOREDUCTASE 
# 
loop_
_struct_asym.id 
_struct_asym.pdbx_blank_PDB_chainid_flag 
_struct_asym.pdbx_modified 
_struct_asym.entity_id 
_struct_asym.details 
A N N 1 ? 
B N N 1 ? 
C N N 2 ? 
D N N 2 ? 
E N N 3 ? 
F N N 3 ? 
# 
_struct_ref.id                         1 
_struct_ref.db_name                    PDB 
_struct_ref.db_code                    4OZ7 
_struct_ref.pdbx_db_accession          4OZ7 
_struct_ref.entity_id                  1 
_struct_ref.pdbx_seq_one_letter_code   ? 
_struct_ref.pdbx_align_begin           ? 
_struct_ref.pdbx_db_isoform            ? 
# 
loop_
_struct_ref_seq.align_id 
_struct_ref_seq.ref_id 
_struct_ref_seq.pdbx_PDB_id_code 
_struct_ref_seq.pdbx_strand_id 
_struct_ref_seq.seq_align_beg 
_struct_ref_seq.pdbx_seq_align_beg_ins_code 
_struct_ref_seq.seq_align_end 
_struct_ref_seq.pdbx_seq_align_end_ins_code 
_struct_ref_seq.pdbx_db_accession 
_struct_ref_seq.db_align_beg 
_struct_ref_seq.pdbx_db_align_beg_ins_code 
_struct_ref_seq.db_align_end 
_struct_ref_seq.pdbx_db_align_end_ins_code 
_struct_ref_seq.pdbx_auth_seq_align_beg 
_struct_ref_seq.pdbx_auth_seq_align_end 
1 1 4OZ7 A 1 ? 10 ? 4OZ7 1 ? 10 ? 1 10 
2 1 4OZ7 B 1 ? 10 ? 4OZ7 1 ? 10 ? 1 10 
# 
loop_
_pdbx_struct_assembly.id 
_pdbx_struct_assembly.details 
_pdbx_struct_assembly.method_details 
_pdbx_struct_assembly.oligomeric_details 
_pdbx_struct_assembly.oligomeric_count 
1 author_defined_assembly ? monomeric 1 
2 author_defined_assembly ? monomeric 1 
# 
loop_
_pdbx_struct_assembly_gen.assembly_id 
_pdbx_struct_assembly_gen.oper_expression 
_pdbx_struct_assembly_gen.asym_id_list 
1 1 A,C,E 
2 1 B,D,F 
# 
_pdbx_struct_oper_list.id                   1 
_pdbx_struct_oper_list.type                 'identity operation' 
_pdbx_struct_oper_list.name                 1_555 
_pdbx_struct_oper_list.symmetry_operation   x,y,z 
_pdbx_struct_oper_list.matrix[1][1]         1.0000000000 
_pdbx_struct_oper_list.matrix[1][2]         0.0000000000 
_pdbx_struct_oper_list.matrix[1][3]         0.0000000000 
_pdbx_struct_oper_list.vector[1]            0.0000000000 
_pdbx_struct_oper_list.matrix[2][1]         0.0000000000 
_pdbx_struct_oper_list.matrix[2][2]         1.0000000000 
_pdbx_struct_oper_list.matrix[2][3]         0.0000000000 
_pdbx_struct_oper_list.vector[2]            0.0000000000 
_pdbx_struct_oper_list.matrix[3][1]         0.0000000000 
_pdbx_struct_oper_list.matrix[3][2]         0.0000000000 
_pdbx_struct_oper_list.matrix[3][3]         1.0000000000 
_pdbx_struct_oper_list.vector[3]            0.0000000000 
# 
loop_
_struct_conn.id 
_struct_conn.conn_type_id 
_struct_conn.pdbx_leaving_atom_flag 
_struct_conn.pdbx_PDB_id 
_struct_conn.ptnr1_label_asym_id 
_struct_conn.ptnr1_label_comp_id 
_struct_conn.ptnr1_label_seq_id 
_struct_conn.ptnr1_label_atom_id 
_struct_conn.pdbx_ptnr1_label_alt_id 
_struct_conn.pdbx_ptnr1_PDB_ins_code 
_struct_conn.pdbx_ptnr1_standard_comp_id 
_struct_conn.ptnr1_symmetry 
_struct_conn.ptnr2_label_asym_id 
_struct_conn.ptnr2_label_comp_id 
_struct_conn.ptnr2_label_seq_id 
_struct_conn.ptnr2_label_atom_id 
_struct_conn.pdbx_ptnr2_label_alt_id 
_struct_conn.pdbx_ptnr2_PDB_ins_code 
_struct_conn.ptnr1_auth_asym_id 
_struct_conn.ptnr1_auth_comp_id 
_struct_conn.ptnr1_auth_seq_id 
_struct_conn.ptnr2_auth_asym_id 
_struct_conn.ptnr2_auth_comp_id 
_struct_conn.ptnr2_auth_seq_id 
_struct_conn.ptnr2_symmetry 
_struct_conn.pdbx_ptnr3_label_atom_id 
_struct_conn.pdbx_ptnr3_label_seq_id 
_struct_conn.pdbx_ptnr3_label_comp_id 
_struct_conn.pdbx_ptnr3_label_asym_id 
_struct_conn.pdbx_ptnr3_label_alt_id 
_struct_conn.pdbx_ptnr3_PDB_ins_code 
_struct_conn.details 
_struct_conn.pdbx_dist_value 
_struct_conn.pdbx_value_order 
_struct_conn.pdbx_role 
disulf1 disulf ?    ? A CYS 4 SG ? ? ? 1_555 A CYS 10 SG ? ? A CYS 4   A CYS 10  1_555 ? ? ? ? ? ? ? 2.027 ? ? 
disulf2 disulf ?    ? B CYS 4 SG ? ? ? 1_555 B CYS 10 SG ? ? B CYS 4   B CYS 10  1_555 ? ? ? ? ? ? ? 2.034 ? ? 
covale1 covale one  ? A 22Q 1 C  ? ? ? 1_555 A ALA 2  N  ? ? A 22Q 1   A ALA 2   1_555 ? ? ? ? ? ? ? 1.337 ? ? 
covale2 covale both ? A SER 5 C  ? ? ? 1_555 A 22W 6  N  ? ? A SER 5   A 22W 6   1_555 ? ? ? ? ? ? ? 1.346 ? ? 
covale3 covale one  ? A 22W 6 C  ? ? ? 1_555 A GLY 7  N  ? ? A 22W 6   A GLY 7   1_555 ? ? ? ? ? ? ? 1.340 ? ? 
covale4 covale one  ? B 22Q 1 C  ? ? ? 1_555 B ALA 2  N  ? ? B 22Q 1   B ALA 2   1_555 ? ? ? ? ? ? ? 1.337 ? ? 
covale5 covale both ? B SER 5 C  ? ? ? 1_555 B 22W 6  N  ? ? B SER 5   B 22W 6   1_555 ? ? ? ? ? ? ? 1.348 ? ? 
covale6 covale one  ? B 22W 6 C  ? ? ? 1_555 B GLY 7  N  ? ? B 22W 6   B GLY 7   1_555 ? ? ? ? ? ? ? 1.341 ? ? 
metalc1 metalc ?    ? A 22Q 1 N  ? ? ? 1_555 D CU1 .  CU ? ? A 22Q 1   B CU1 101 6_345 ? ? ? ? ? ? ? 2.054 ? ? 
metalc2 metalc ?    ? A 22Q 1 S  ? ? ? 1_555 D CU1 .  CU ? ? A 22Q 1   B CU1 101 6_345 ? ? ? ? ? ? ? 2.255 ? ? 
metalc3 metalc ?    ? A 22W 6 S  ? ? ? 1_555 C CU1 .  CU ? ? A 22W 6   A CU1 101 1_555 ? ? ? ? ? ? ? 2.350 ? ? 
metalc4 metalc ?    ? A 22W 6 NB ? ? ? 1_555 C CU1 .  CU ? ? A 22W 6   A CU1 101 1_555 ? ? ? ? ? ? ? 2.141 ? ? 
metalc5 metalc ?    ? C CU1 . CU ? ? ? 6_344 B 22Q 1  N  ? ? A CU1 101 B 22Q 1   1_555 ? ? ? ? ? ? ? 2.068 ? ? 
metalc6 metalc ?    ? C CU1 . CU ? ? ? 6_344 B 22Q 1  S  ? ? A CU1 101 B 22Q 1   1_555 ? ? ? ? ? ? ? 2.221 ? ? 
metalc7 metalc ?    ? B 22W 6 S  ? ? ? 1_555 D CU1 .  CU ? ? B 22W 6   B CU1 101 1_555 ? ? ? ? ? ? ? 2.233 ? ? 
metalc8 metalc ?    ? B 22W 6 NB ? ? ? 1_555 D CU1 .  CU ? ? B 22W 6   B CU1 101 1_555 ? ? ? ? ? ? ? 2.174 ? ? 
# 
loop_
_struct_conn_type.id 
_struct_conn_type.criteria 
_struct_conn_type.reference 
disulf ? ? 
covale ? ? 
metalc ? ? 
# 
loop_
_pdbx_struct_conn_angle.id 
_pdbx_struct_conn_angle.ptnr1_label_atom_id 
_pdbx_struct_conn_angle.ptnr1_label_alt_id 
_pdbx_struct_conn_angle.ptnr1_label_asym_id 
_pdbx_struct_conn_angle.ptnr1_label_comp_id 
_pdbx_struct_conn_angle.ptnr1_label_seq_id 
_pdbx_struct_conn_angle.ptnr1_auth_atom_id 
_pdbx_struct_conn_angle.ptnr1_auth_asym_id 
_pdbx_struct_conn_angle.ptnr1_auth_comp_id 
_pdbx_struct_conn_angle.ptnr1_auth_seq_id 
_pdbx_struct_conn_angle.ptnr1_PDB_ins_code 
_pdbx_struct_conn_angle.ptnr1_symmetry 
_pdbx_struct_conn_angle.ptnr2_label_atom_id 
_pdbx_struct_conn_angle.ptnr2_label_alt_id 
_pdbx_struct_conn_angle.ptnr2_label_asym_id 
_pdbx_struct_conn_angle.ptnr2_label_comp_id 
_pdbx_struct_conn_angle.ptnr2_label_seq_id 
_pdbx_struct_conn_angle.ptnr2_auth_atom_id 
_pdbx_struct_conn_angle.ptnr2_auth_asym_id 
_pdbx_struct_conn_angle.ptnr2_auth_comp_id 
_pdbx_struct_conn_angle.ptnr2_auth_seq_id 
_pdbx_struct_conn_angle.ptnr2_PDB_ins_code 
_pdbx_struct_conn_angle.ptnr2_symmetry 
_pdbx_struct_conn_angle.ptnr3_label_atom_id 
_pdbx_struct_conn_angle.ptnr3_label_alt_id 
_pdbx_struct_conn_angle.ptnr3_label_asym_id 
_pdbx_struct_conn_angle.ptnr3_label_comp_id 
_pdbx_struct_conn_angle.ptnr3_label_seq_id 
_pdbx_struct_conn_angle.ptnr3_auth_atom_id 
_pdbx_struct_conn_angle.ptnr3_auth_asym_id 
_pdbx_struct_conn_angle.ptnr3_auth_comp_id 
_pdbx_struct_conn_angle.ptnr3_auth_seq_id 
_pdbx_struct_conn_angle.ptnr3_PDB_ins_code 
_pdbx_struct_conn_angle.ptnr3_symmetry 
_pdbx_struct_conn_angle.value 
_pdbx_struct_conn_angle.value_esd 
1  N  ? A 22Q 1 ? A 22Q 1 ? 1_555 CU ? D CU1 . ? B CU1 101 ? 6_345 S  ? A 22Q 1 ? A 22Q 1 ? 1_555 87.1  ? 
2  N  ? A 22Q 1 ? A 22Q 1 ? 1_555 CU ? D CU1 . ? B CU1 101 ? 6_345 S  ? B 22W 6 ? B 22W 6 ? 1_555 94.3  ? 
3  S  ? A 22Q 1 ? A 22Q 1 ? 1_555 CU ? D CU1 . ? B CU1 101 ? 6_345 S  ? B 22W 6 ? B 22W 6 ? 1_555 21.8  ? 
4  N  ? A 22Q 1 ? A 22Q 1 ? 1_555 CU ? D CU1 . ? B CU1 101 ? 6_345 NB ? B 22W 6 ? B 22W 6 ? 1_555 95.4  ? 
5  S  ? A 22Q 1 ? A 22Q 1 ? 1_555 CU ? D CU1 . ? B CU1 101 ? 6_345 NB ? B 22W 6 ? B 22W 6 ? 1_555 16.7  ? 
6  S  ? B 22W 6 ? B 22W 6 ? 1_555 CU ? D CU1 . ? B CU1 101 ? 6_345 NB ? B 22W 6 ? B 22W 6 ? 1_555 6.1   ? 
7  S  ? A 22W 6 ? A 22W 6 ? 1_555 CU ? C CU1 . ? A CU1 101 ? 1_555 NB ? A 22W 6 ? A 22W 6 ? 1_555 86.4  ? 
8  S  ? A 22W 6 ? A 22W 6 ? 1_555 CU ? C CU1 . ? A CU1 101 ? 1_555 N  ? B 22Q 1 ? B 22Q 1 ? 1_555 104.9 ? 
9  NB ? A 22W 6 ? A 22W 6 ? 1_555 CU ? C CU1 . ? A CU1 101 ? 1_555 N  ? B 22Q 1 ? B 22Q 1 ? 1_555 45.9  ? 
10 S  ? A 22W 6 ? A 22W 6 ? 1_555 CU ? C CU1 . ? A CU1 101 ? 1_555 S  ? B 22Q 1 ? B 22Q 1 ? 1_555 108.9 ? 
11 NB ? A 22W 6 ? A 22W 6 ? 1_555 CU ? C CU1 . ? A CU1 101 ? 1_555 S  ? B 22Q 1 ? B 22Q 1 ? 1_555 48.1  ? 
12 N  ? B 22Q 1 ? B 22Q 1 ? 1_555 CU ? C CU1 . ? A CU1 101 ? 1_555 S  ? B 22Q 1 ? B 22Q 1 ? 1_555 4.1   ? 
# 
loop_
_pdbx_modification_feature.ordinal 
_pdbx_modification_feature.label_comp_id 
_pdbx_modification_feature.label_asym_id 
_pdbx_modification_feature.label_seq_id 
_pdbx_modification_feature.label_alt_id 
_pdbx_modification_feature.modified_residue_label_comp_id 
_pdbx_modification_feature.modified_residue_label_asym_id 
_pdbx_modification_feature.modified_residue_label_seq_id 
_pdbx_modification_feature.modified_residue_label_alt_id 
_pdbx_modification_feature.auth_comp_id 
_pdbx_modification_feature.auth_asym_id 
_pdbx_modification_feature.auth_seq_id 
_pdbx_modification_feature.PDB_ins_code 
_pdbx_modification_feature.symmetry 
_pdbx_modification_feature.modified_residue_auth_comp_id 
_pdbx_modification_feature.modified_residue_auth_asym_id 
_pdbx_modification_feature.modified_residue_auth_seq_id 
_pdbx_modification_feature.modified_residue_PDB_ins_code 
_pdbx_modification_feature.modified_residue_symmetry 
_pdbx_modification_feature.comp_id_linking_atom 
_pdbx_modification_feature.modified_residue_id_linking_atom 
_pdbx_modification_feature.modified_residue_id 
_pdbx_modification_feature.ref_pcm_id 
_pdbx_modification_feature.ref_comp_id 
_pdbx_modification_feature.type 
_pdbx_modification_feature.category 
1 22Q A 1 ? .   . .  . 22Q A 1 ? 1_555 .   . .  . .     .  .  ? 1 22Q None 'Non-standard residue' 
2 22W A 6 ? .   . .  . 22W A 6 ? 1_555 .   . .  . .     .  .  ? 1 22W None 'Non-standard residue' 
3 22Q B 1 ? .   . .  . 22Q B 1 ? 1_555 .   . .  . .     .  .  ? 1 22Q None 'Non-standard residue' 
4 22W B 6 ? .   . .  . 22W B 6 ? 1_555 .   . .  . .     .  .  ? 1 22W None 'Non-standard residue' 
5 CYS A 4 ? CYS A 10 ? CYS A 4 ? 1_555 CYS A 10 ? 1_555 SG SG . . .   None 'Disulfide bridge'     
6 CYS B 4 ? CYS B 10 ? CYS B 4 ? 1_555 CYS B 10 ? 1_555 SG SG . . .   None 'Disulfide bridge'     
# 
loop_
_struct_site.id 
_struct_site.pdbx_evidence_code 
_struct_site.pdbx_auth_asym_id 
_struct_site.pdbx_auth_comp_id 
_struct_site.pdbx_auth_seq_id 
_struct_site.pdbx_auth_ins_code 
_struct_site.pdbx_num_residues 
_struct_site.details 
AC1 Software A CU1 101 ? 2  'binding site for residue CU1 A 101'                                        
AC2 Software B CU1 101 ? 2  'binding site for residue CU1 B 101'                                        
AC3 Software A 22W 6   ? 11 'binding site for Ligand residues 22W A 6 through GLY A 7 bound to SER A 5' 
AC4 Software B 22W 6   ? 12 'binding site for Ligand residues 22W B 6 through GLY B 7 bound to SER B 5' 
AC5 Software B 22Q 1   ? 8  'binding site for Di-peptide 22Q B 1 and ALA B 2'                           
# 
loop_
_struct_site_gen.id 
_struct_site_gen.site_id 
_struct_site_gen.pdbx_num_res 
_struct_site_gen.label_comp_id 
_struct_site_gen.label_asym_id 
_struct_site_gen.label_seq_id 
_struct_site_gen.pdbx_auth_ins_code 
_struct_site_gen.auth_comp_id 
_struct_site_gen.auth_asym_id 
_struct_site_gen.auth_seq_id 
_struct_site_gen.label_atom_id 
_struct_site_gen.label_alt_id 
_struct_site_gen.symmetry 
_struct_site_gen.details 
1  AC1 2  22W A 6  ? 22W A 6   . ? 1_555 ? 
2  AC1 2  22Q B 1  ? 22Q B 1   . ? 6_345 ? 
3  AC2 2  22Q A 1  ? 22Q A 1   . ? 6_344 ? 
4  AC2 2  22W B 6  ? 22W B 6   . ? 1_555 ? 
5  AC3 11 CYS A 4  ? CYS A 4   . ? 1_555 ? 
6  AC3 11 SER A 5  ? SER A 5   . ? 1_555 ? 
7  AC3 11 PRO A 8  ? PRO A 8   . ? 4_545 ? 
8  AC3 11 PRO A 8  ? PRO A 8   . ? 1_555 ? 
9  AC3 11 ASN A 9  ? ASN A 9   . ? 1_555 ? 
10 AC3 11 CYS A 10 ? CYS A 10  . ? 1_555 ? 
11 AC3 11 CU1 C .  ? CU1 A 101 . ? 1_555 ? 
12 AC3 11 HOH E .  ? HOH A 203 . ? 1_555 ? 
13 AC3 11 22Q B 1  ? 22Q B 1   . ? 6_345 ? 
14 AC3 11 PRO B 8  ? PRO B 8   . ? 3_355 ? 
15 AC3 11 HOH F .  ? HOH B 202 . ? 3_355 ? 
16 AC4 12 22Q A 1  ? 22Q A 1   . ? 6_344 ? 
17 AC4 12 SER A 5  ? SER A 5   . ? 1_555 ? 
18 AC4 12 PRO A 8  ? PRO A 8   . ? 4_545 ? 
19 AC4 12 HOH E .  ? HOH A 201 . ? 4_545 ? 
20 AC4 12 CYS B 4  ? CYS B 4   . ? 1_555 ? 
21 AC4 12 SER B 5  ? SER B 5   . ? 1_555 ? 
22 AC4 12 PRO B 8  ? PRO B 8   . ? 3_355 ? 
23 AC4 12 PRO B 8  ? PRO B 8   . ? 1_555 ? 
24 AC4 12 ASN B 9  ? ASN B 9   . ? 1_555 ? 
25 AC4 12 CYS B 10 ? CYS B 10  . ? 1_555 ? 
26 AC4 12 CU1 D .  ? CU1 B 101 . ? 1_555 ? 
27 AC4 12 HOH F .  ? HOH B 205 . ? 1_555 ? 
28 AC5 8  SER A 3  ? SER A 3   . ? 6_344 ? 
29 AC5 8  CYS A 4  ? CYS A 4   . ? 6_344 ? 
30 AC5 8  SER A 5  ? SER A 5   . ? 6_344 ? 
31 AC5 8  22W A 6  ? 22W A 6   . ? 6_344 ? 
32 AC5 8  CU1 C .  ? CU1 A 101 . ? 6_344 ? 
33 AC5 8  SER B 3  ? SER B 3   . ? 1_555 ? 
34 AC5 8  HOH F .  ? HOH B 203 . ? 1_555 ? 
35 AC5 8  HOH F .  ? HOH B 210 . ? 1_555 ? 
# 
_pdbx_entry_details.entry_id                   4OZ7 
_pdbx_entry_details.compound_details           ? 
_pdbx_entry_details.source_details             ? 
_pdbx_entry_details.nonpolymer_details         ? 
_pdbx_entry_details.sequence_details           ? 
_pdbx_entry_details.has_ligand_of_interest     ? 
_pdbx_entry_details.has_protein_modification   Y 
# 
loop_
_pdbx_validate_rmsd_angle.id 
_pdbx_validate_rmsd_angle.PDB_model_num 
_pdbx_validate_rmsd_angle.auth_atom_id_1 
_pdbx_validate_rmsd_angle.auth_asym_id_1 
_pdbx_validate_rmsd_angle.auth_comp_id_1 
_pdbx_validate_rmsd_angle.auth_seq_id_1 
_pdbx_validate_rmsd_angle.PDB_ins_code_1 
_pdbx_validate_rmsd_angle.label_alt_id_1 
_pdbx_validate_rmsd_angle.auth_atom_id_2 
_pdbx_validate_rmsd_angle.auth_asym_id_2 
_pdbx_validate_rmsd_angle.auth_comp_id_2 
_pdbx_validate_rmsd_angle.auth_seq_id_2 
_pdbx_validate_rmsd_angle.PDB_ins_code_2 
_pdbx_validate_rmsd_angle.label_alt_id_2 
_pdbx_validate_rmsd_angle.auth_atom_id_3 
_pdbx_validate_rmsd_angle.auth_asym_id_3 
_pdbx_validate_rmsd_angle.auth_comp_id_3 
_pdbx_validate_rmsd_angle.auth_seq_id_3 
_pdbx_validate_rmsd_angle.PDB_ins_code_3 
_pdbx_validate_rmsd_angle.label_alt_id_3 
_pdbx_validate_rmsd_angle.angle_value 
_pdbx_validate_rmsd_angle.angle_target_value 
_pdbx_validate_rmsd_angle.angle_deviation 
_pdbx_validate_rmsd_angle.angle_standard_deviation 
_pdbx_validate_rmsd_angle.linker_flag 
1 1 CA A 22W 6 ? ? C A 22W 6 ? ? N A GLY 7 ? ? 138.09 116.20 21.89 2.00 Y 
2 1 CA B 22W 6 ? ? C B 22W 6 ? ? N B GLY 7 ? ? 134.30 116.20 18.10 2.00 Y 
# 
_pdbx_struct_special_symmetry.id              1 
_pdbx_struct_special_symmetry.PDB_model_num   1 
_pdbx_struct_special_symmetry.auth_asym_id    B 
_pdbx_struct_special_symmetry.auth_comp_id    HOH 
_pdbx_struct_special_symmetry.auth_seq_id     209 
_pdbx_struct_special_symmetry.PDB_ins_code    ? 
_pdbx_struct_special_symmetry.label_asym_id   F 
_pdbx_struct_special_symmetry.label_comp_id   HOH 
_pdbx_struct_special_symmetry.label_seq_id    . 
# 
loop_
_chem_comp_atom.comp_id 
_chem_comp_atom.atom_id 
_chem_comp_atom.type_symbol 
_chem_comp_atom.pdbx_aromatic_flag 
_chem_comp_atom.pdbx_stereo_config 
_chem_comp_atom.pdbx_ordinal 
22Q C    C  N N 1   
22Q N    N  N N 2   
22Q S    S  N N 3   
22Q C1   C  N N 4   
22Q N1   N  N N 5   
22Q C2   C  N N 6   
22Q O2   O  N N 7   
22Q O3   O  N N 8   
22Q C4   C  N N 9   
22Q C5   C  N N 10  
22Q C6   C  N N 11  
22Q C7   C  N N 12  
22Q C8   C  N N 13  
22Q CA   C  N N 14  
22Q H    H  N N 15  
22Q HS   H  N N 16  
22Q HN1  H  N N 17  
22Q H4   H  N N 18  
22Q H4A  H  N N 19  
22Q H6   H  N N 20  
22Q H7   H  N N 21  
22Q H7A  H  N N 22  
22Q H7B  H  N N 23  
22Q H8   H  N N 24  
22Q H8A  H  N N 25  
22Q H8B  H  N N 26  
22W C    C  N N 27  
22W N    N  N N 28  
22W O1   O  N N 29  
22W S    S  N N 30  
22W CA   C  N S 31  
22W CB   C  N S 32  
22W NB   N  N N 33  
22W CE   C  N N 34  
22W CF   C  N N 35  
22W O26  O  N N 36  
22W C83  C  N N 37  
22W CD1  C  N N 38  
22W CG1  C  N N 39  
22W CG2  C  N N 40  
22W H    H  N N 41  
22W H2   H  N N 42  
22W HA   H  N N 43  
22W HB   H  N N 44  
22W HD1  H  N N 45  
22W HD1A H  N N 46  
22W HD1B H  N N 47  
22W HG1  H  N N 48  
22W HG1A H  N N 49  
22W HG2  H  N N 50  
22W HG2A H  N N 51  
22W HG2B H  N N 52  
ALA N    N  N N 53  
ALA CA   C  N S 54  
ALA C    C  N N 55  
ALA O    O  N N 56  
ALA CB   C  N N 57  
ALA OXT  O  N N 58  
ALA H    H  N N 59  
ALA H2   H  N N 60  
ALA HA   H  N N 61  
ALA HB1  H  N N 62  
ALA HB2  H  N N 63  
ALA HB3  H  N N 64  
ALA HXT  H  N N 65  
ASN N    N  N N 66  
ASN CA   C  N S 67  
ASN C    C  N N 68  
ASN O    O  N N 69  
ASN CB   C  N N 70  
ASN CG   C  N N 71  
ASN OD1  O  N N 72  
ASN ND2  N  N N 73  
ASN OXT  O  N N 74  
ASN H    H  N N 75  
ASN H2   H  N N 76  
ASN HA   H  N N 77  
ASN HB2  H  N N 78  
ASN HB3  H  N N 79  
ASN HD21 H  N N 80  
ASN HD22 H  N N 81  
ASN HXT  H  N N 82  
CU1 CU   CU N N 83  
CYS N    N  N N 84  
CYS CA   C  N R 85  
CYS C    C  N N 86  
CYS O    O  N N 87  
CYS CB   C  N N 88  
CYS SG   S  N N 89  
CYS OXT  O  N N 90  
CYS H    H  N N 91  
CYS H2   H  N N 92  
CYS HA   H  N N 93  
CYS HB2  H  N N 94  
CYS HB3  H  N N 95  
CYS HG   H  N N 96  
CYS HXT  H  N N 97  
GLY N    N  N N 98  
GLY CA   C  N N 99  
GLY C    C  N N 100 
GLY O    O  N N 101 
GLY OXT  O  N N 102 
GLY H    H  N N 103 
GLY H2   H  N N 104 
GLY HA2  H  N N 105 
GLY HA3  H  N N 106 
GLY HXT  H  N N 107 
HOH O    O  N N 108 
HOH H1   H  N N 109 
HOH H2   H  N N 110 
PRO N    N  N N 111 
PRO CA   C  N S 112 
PRO C    C  N N 113 
PRO O    O  N N 114 
PRO CB   C  N N 115 
PRO CG   C  N N 116 
PRO CD   C  N N 117 
PRO OXT  O  N N 118 
PRO H    H  N N 119 
PRO HA   H  N N 120 
PRO HB2  H  N N 121 
PRO HB3  H  N N 122 
PRO HG2  H  N N 123 
PRO HG3  H  N N 124 
PRO HD2  H  N N 125 
PRO HD3  H  N N 126 
PRO HXT  H  N N 127 
SER N    N  N N 128 
SER CA   C  N S 129 
SER C    C  N N 130 
SER O    O  N N 131 
SER CB   C  N N 132 
SER OG   O  N N 133 
SER OXT  O  N N 134 
SER H    H  N N 135 
SER H2   H  N N 136 
SER HA   H  N N 137 
SER HB2  H  N N 138 
SER HB3  H  N N 139 
SER HG   H  N N 140 
SER HXT  H  N N 141 
# 
loop_
_chem_comp_bond.comp_id 
_chem_comp_bond.atom_id_1 
_chem_comp_bond.atom_id_2 
_chem_comp_bond.value_order 
_chem_comp_bond.pdbx_aromatic_flag 
_chem_comp_bond.pdbx_stereo_config 
_chem_comp_bond.pdbx_ordinal 
22Q C   S    sing N N 1   
22Q C   CA   doub N Z 2   
22Q C   H    sing N N 3   
22Q N   C1   doub N N 4   
22Q N   CA   sing N N 5   
22Q S   HS   sing N N 6   
22Q C1  C4   sing N N 7   
22Q C1  C5   sing N N 8   
22Q N1  C2   sing N N 9   
22Q N1  C5   sing N N 10  
22Q N1  HN1  sing N N 11  
22Q C2  O2   doub N N 12  
22Q C2  CA   sing N N 13  
22Q O3  C5   doub N N 14  
22Q C4  C6   sing N N 15  
22Q C4  H4   sing N N 16  
22Q C4  H4A  sing N N 17  
22Q C6  C7   sing N N 18  
22Q C6  C8   sing N N 19  
22Q C6  H6   sing N N 20  
22Q C7  H7   sing N N 21  
22Q C7  H7A  sing N N 22  
22Q C7  H7B  sing N N 23  
22Q C8  H8   sing N N 24  
22Q C8  H8A  sing N N 25  
22Q C8  H8B  sing N N 26  
22W C   S    doub N N 27  
22W N   H    sing N N 28  
22W N   H2   sing N N 29  
22W O1  C83  sing N N 30  
22W O1  CE   sing N N 31  
22W CA  N    sing N N 32  
22W CA  HA   sing N N 33  
22W CB  CA   sing N N 34  
22W CB  CG1  sing N N 35  
22W CB  HB   sing N N 36  
22W CE  CA   sing N N 37  
22W CE  NB   doub N N 38  
22W CF  C    doub N N 39  
22W CF  NB   sing N N 40  
22W O26 C83  doub N N 41  
22W C83 CF   sing N N 42  
22W CD1 CG1  sing N N 43  
22W CD1 HD1  sing N N 44  
22W CD1 HD1A sing N N 45  
22W CD1 HD1B sing N N 46  
22W CG1 HG1  sing N N 47  
22W CG1 HG1A sing N N 48  
22W CG2 CB   sing N N 49  
22W CG2 HG2  sing N N 50  
22W CG2 HG2A sing N N 51  
22W CG2 HG2B sing N N 52  
ALA N   CA   sing N N 53  
ALA N   H    sing N N 54  
ALA N   H2   sing N N 55  
ALA CA  C    sing N N 56  
ALA CA  CB   sing N N 57  
ALA CA  HA   sing N N 58  
ALA C   O    doub N N 59  
ALA C   OXT  sing N N 60  
ALA CB  HB1  sing N N 61  
ALA CB  HB2  sing N N 62  
ALA CB  HB3  sing N N 63  
ALA OXT HXT  sing N N 64  
ASN N   CA   sing N N 65  
ASN N   H    sing N N 66  
ASN N   H2   sing N N 67  
ASN CA  C    sing N N 68  
ASN CA  CB   sing N N 69  
ASN CA  HA   sing N N 70  
ASN C   O    doub N N 71  
ASN C   OXT  sing N N 72  
ASN CB  CG   sing N N 73  
ASN CB  HB2  sing N N 74  
ASN CB  HB3  sing N N 75  
ASN CG  OD1  doub N N 76  
ASN CG  ND2  sing N N 77  
ASN ND2 HD21 sing N N 78  
ASN ND2 HD22 sing N N 79  
ASN OXT HXT  sing N N 80  
CYS N   CA   sing N N 81  
CYS N   H    sing N N 82  
CYS N   H2   sing N N 83  
CYS CA  C    sing N N 84  
CYS CA  CB   sing N N 85  
CYS CA  HA   sing N N 86  
CYS C   O    doub N N 87  
CYS C   OXT  sing N N 88  
CYS CB  SG   sing N N 89  
CYS CB  HB2  sing N N 90  
CYS CB  HB3  sing N N 91  
CYS SG  HG   sing N N 92  
CYS OXT HXT  sing N N 93  
GLY N   CA   sing N N 94  
GLY N   H    sing N N 95  
GLY N   H2   sing N N 96  
GLY CA  C    sing N N 97  
GLY CA  HA2  sing N N 98  
GLY CA  HA3  sing N N 99  
GLY C   O    doub N N 100 
GLY C   OXT  sing N N 101 
GLY OXT HXT  sing N N 102 
HOH O   H1   sing N N 103 
HOH O   H2   sing N N 104 
PRO N   CA   sing N N 105 
PRO N   CD   sing N N 106 
PRO N   H    sing N N 107 
PRO CA  C    sing N N 108 
PRO CA  CB   sing N N 109 
PRO CA  HA   sing N N 110 
PRO C   O    doub N N 111 
PRO C   OXT  sing N N 112 
PRO CB  CG   sing N N 113 
PRO CB  HB2  sing N N 114 
PRO CB  HB3  sing N N 115 
PRO CG  CD   sing N N 116 
PRO CG  HG2  sing N N 117 
PRO CG  HG3  sing N N 118 
PRO CD  HD2  sing N N 119 
PRO CD  HD3  sing N N 120 
PRO OXT HXT  sing N N 121 
SER N   CA   sing N N 122 
SER N   H    sing N N 123 
SER N   H2   sing N N 124 
SER CA  C    sing N N 125 
SER CA  CB   sing N N 126 
SER CA  HA   sing N N 127 
SER C   O    doub N N 128 
SER C   OXT  sing N N 129 
SER CB  OG   sing N N 130 
SER CB  HB2  sing N N 131 
SER CB  HB3  sing N N 132 
SER OG  HG   sing N N 133 
SER OXT HXT  sing N N 134 
# 
_pdbx_audit_support.funding_organization   'Natural Environment Research Council (NERC)' 
_pdbx_audit_support.country                'United Kingdom' 
_pdbx_audit_support.grant_number           NE/F00608X 
_pdbx_audit_support.ordinal                1 
# 
_atom_sites.entry_id                    4OZ7 
_atom_sites.fract_transf_matrix[1][1]   -0.00544475 
_atom_sites.fract_transf_matrix[1][2]   -0.01100827 
_atom_sites.fract_transf_matrix[1][3]   0.02430656 
_atom_sites.fract_transf_matrix[2][1]   0.01553721 
_atom_sites.fract_transf_matrix[2][2]   0.01672941 
_atom_sites.fract_transf_matrix[2][3]   0.01105701 
_atom_sites.fract_transf_matrix[3][1]   -0.01900581 
_atom_sites.fract_transf_matrix[3][2]   0.01575057 
_atom_sites.fract_transf_matrix[3][3]   0.00287596 
_atom_sites.fract_transf_vector[1]      -0.842837 
_atom_sites.fract_transf_vector[2]      -0.344428 
_atom_sites.fract_transf_vector[3]      -0.000104 
# 
loop_
_atom_type.symbol 
C  
CU 
N  
O  
S  
# 
loop_
_atom_site.group_PDB 
_atom_site.id 
_atom_site.type_symbol 
_atom_site.label_atom_id 
_atom_site.label_alt_id 
_atom_site.label_comp_id 
_atom_site.label_asym_id 
_atom_site.label_entity_id 
_atom_site.label_seq_id 
_atom_site.pdbx_PDB_ins_code 
_atom_site.Cartn_x 
_atom_site.Cartn_y 
_atom_site.Cartn_z 
_atom_site.occupancy 
_atom_site.B_iso_or_equiv 
_atom_site.pdbx_formal_charge 
_atom_site.auth_seq_id 
_atom_site.auth_comp_id 
_atom_site.auth_asym_id 
_atom_site.auth_atom_id 
_atom_site.pdbx_PDB_model_num 
HETATM 1   C  C   . 22Q A 1 1  ? -13.262 7.352  8.338   1.00 22.06  ? 1   22Q A C   1 
HETATM 2   N  N   . 22Q A 1 1  ? -14.962 8.681  9.350   1.00 22.71  ? 1   22Q A N   1 
HETATM 3   S  S   . 22Q A 1 1  ? -12.256 7.513  9.726   1.00 20.75  ? 1   22Q A S   1 
HETATM 4   C  C1  . 22Q A 1 1  ? -16.091 9.415  9.322   1.00 23.29  ? 1   22Q A C1  1 
HETATM 5   N  N1  . 22Q A 1 1  ? -16.249 9.020  6.948   1.00 23.83  ? 1   22Q A N1  1 
HETATM 6   C  C2  . 22Q A 1 1  ? -15.076 8.265  7.025   1.00 23.25  ? 1   22Q A C2  1 
HETATM 7   O  O2  . 22Q A 1 1  ? -14.637 7.757  5.994   1.00 24.43  ? 1   22Q A O2  1 
HETATM 8   O  O3  . 22Q A 1 1  ? -17.794 10.271 8.033   1.00 24.70  ? 1   22Q A O3  1 
HETATM 9   C  C4  . 22Q A 1 1  ? -16.559 9.981  10.517  1.00 23.16  ? 1   22Q A C4  1 
HETATM 10  C  C5  . 22Q A 1 1  ? -16.762 9.607  8.108   1.00 23.86  ? 1   22Q A C5  1 
HETATM 11  C  C6  . 22Q A 1 1  ? -17.860 9.403  11.116  1.00 23.48  ? 1   22Q A C6  1 
HETATM 12  C  C7  . 22Q A 1 1  ? -17.738 7.897  11.391  1.00 23.53  ? 1   22Q A C7  1 
HETATM 13  C  C8  . 22Q A 1 1  ? -18.169 10.123 12.431  1.00 24.07  ? 1   22Q A C8  1 
HETATM 14  C  CA  . 22Q A 1 1  ? -14.435 8.108  8.253   1.00 22.47  ? 1   22Q A CA  1 
ATOM   15  N  N   . ALA A 1 2  ? -12.784 6.588  7.351   1.00 22.22  ? 2   ALA A N   1 
ATOM   16  C  CA  . ALA A 1 2  ? -11.536 5.790  7.238   1.00 23.23  ? 2   ALA A CA  1 
ATOM   17  C  C   . ALA A 1 2  ? -11.079 5.771  5.792   1.00 23.77  ? 2   ALA A C   1 
ATOM   18  O  O   . ALA A 1 2  ? -11.891 5.875  4.869   1.00 24.36  ? 2   ALA A O   1 
ATOM   19  C  CB  . ALA A 1 2  ? -11.754 4.374  7.752   1.00 23.25  ? 2   ALA A CB  1 
ATOM   20  N  N   . SER A 1 3  ? -9.770  5.678  5.605   1.00 24.14  ? 3   SER A N   1 
ATOM   21  C  CA  . SER A 1 3  ? -9.205  5.518  4.279   1.00 24.71  ? 3   SER A CA  1 
ATOM   22  C  C   . SER A 1 3  ? -8.218  4.362  4.292   1.00 24.52  ? 3   SER A C   1 
ATOM   23  O  O   . SER A 1 3  ? -7.681  3.993  5.345   1.00 24.11  ? 3   SER A O   1 
ATOM   24  C  CB  . SER A 1 3  ? -8.545  6.811  3.793   1.00 25.64  ? 3   SER A CB  1 
ATOM   25  O  OG  . SER A 1 3  ? -7.488  7.199  4.648   1.00 27.86  ? 3   SER A OG  1 
ATOM   26  N  N   . CYS A 1 4  ? -8.007  3.774  3.121   1.00 23.46  ? 4   CYS A N   1 
ATOM   27  C  CA  . CYS A 1 4  ? -7.042  2.707  2.982   1.00 22.85  ? 4   CYS A CA  1 
ATOM   28  C  C   . CYS A 1 4  ? -5.641  3.300  2.951   1.00 23.04  ? 4   CYS A C   1 
ATOM   29  O  O   . CYS A 1 4  ? -5.287  4.052  2.037   1.00 24.32  ? 4   CYS A O   1 
ATOM   30  C  CB  . CYS A 1 4  ? -7.314  1.897  1.720   1.00 22.80  ? 4   CYS A CB  1 
ATOM   31  S  SG  . CYS A 1 4  ? -6.201  0.492  1.581   1.00 22.64  ? 4   CYS A SG  1 
ATOM   32  N  N   . SER A 1 5  ? -4.854  2.963  3.964   1.00 21.84  ? 5   SER A N   1 
ATOM   33  C  CA  . SER A 1 5  ? -3.524  3.522  4.122   1.00 21.75  ? 5   SER A CA  1 
ATOM   34  C  C   . SER A 1 5  ? -2.464  2.520  3.697   1.00 21.22  ? 5   SER A C   1 
ATOM   35  O  O   . SER A 1 5  ? -1.307  2.885  3.503   1.00 21.81  ? 5   SER A O   1 
ATOM   36  C  CB  . SER A 1 5  ? -3.298  3.949  5.575   1.00 21.62  ? 5   SER A CB  1 
ATOM   37  O  OG  . SER A 1 5  ? -3.604  2.882  6.457   1.00 21.78  ? 5   SER A OG  1 
HETATM 38  C  C   . 22W A 1 6  ? -4.906  -3.134 1.443   1.00 19.81  ? 6   22W A C   1 
HETATM 39  N  N   . 22W A 1 6  ? -2.712  1.198  3.732   1.00 19.91  ? 6   22W A N   1 
HETATM 40  O  O1  . 22W A 1 6  ? -1.948  -0.858 0.997   1.00 19.69  ? 6   22W A O1  1 
HETATM 41  S  S   . 22W A 1 6  ? -5.816  -3.493 2.677   1.00 20.77  ? 6   22W A S   1 
HETATM 42  C  CA  . 22W A 1 6  ? -1.746  0.130  3.340   1.00 19.45  ? 6   22W A CA  1 
HETATM 43  C  CB  . 22W A 1 6  ? -1.198  -0.609 4.565   1.00 19.25  ? 6   22W A CB  1 
HETATM 44  N  NB  . 22W A 1 6  ? -3.424  -1.556 2.601   1.00 19.45  ? 6   22W A NB  1 
HETATM 45  C  CE  . 22W A 1 6  ? -2.421  -0.812 2.344   1.00 19.52  ? 6   22W A CE  1 
HETATM 46  C  CF  . 22W A 1 6  ? -3.780  -2.178 1.554   1.00 19.71  ? 6   22W A CF  1 
HETATM 47  O  O26 . 22W A 1 6  ? -2.906  -2.176 -0.683  1.00 20.03  ? 6   22W A O26 1 
HETATM 48  C  C83 . 22W A 1 6  ? -2.890  -1.798 0.473   1.00 19.58  ? 6   22W A C83 1 
HETATM 49  C  CD1 . 22W A 1 6  ? -0.255  -0.234 6.854   1.00 19.41  ? 6   22W A CD1 1 
HETATM 50  C  CG1 . 22W A 1 6  ? -0.501  0.386  5.494   1.00 19.40  ? 6   22W A CG1 1 
HETATM 51  C  CG2 . 22W A 1 6  ? -0.203  -1.677 4.113   1.00 18.83  ? 6   22W A CG2 1 
ATOM   52  N  N   . GLY A 1 7  ? -5.122  -3.749 0.272   1.00 19.72  ? 7   GLY A N   1 
ATOM   53  C  CA  . GLY A 1 7  ? -6.345  -4.513 -0.087  1.00 20.70  ? 7   GLY A CA  1 
ATOM   54  C  C   . GLY A 1 7  ? -6.729  -4.342 -1.544  1.00 21.41  ? 7   GLY A C   1 
ATOM   55  O  O   . GLY A 1 7  ? -6.161  -3.494 -2.235  1.00 21.11  ? 7   GLY A O   1 
ATOM   56  N  N   . PRO A 1 8  ? -7.701  -5.145 -2.016  1.00 22.28  ? 8   PRO A N   1 
ATOM   57  C  CA  . PRO A 1 8  ? -8.091  -5.212 -3.431  1.00 23.15  ? 8   PRO A CA  1 
ATOM   58  C  C   . PRO A 1 8  ? -8.583  -3.882 -4.015  1.00 23.99  ? 8   PRO A C   1 
ATOM   59  O  O   . PRO A 1 8  ? -8.313  -3.583 -5.180  1.00 24.15  ? 8   PRO A O   1 
ATOM   60  C  CB  . PRO A 1 8  ? -9.210  -6.264 -3.443  1.00 22.80  ? 8   PRO A CB  1 
ATOM   61  C  CG  . PRO A 1 8  ? -9.702  -6.323 -2.044  1.00 22.68  ? 8   PRO A CG  1 
ATOM   62  C  CD  . PRO A 1 8  ? -8.487  -6.087 -1.198  1.00 22.57  ? 8   PRO A CD  1 
ATOM   63  N  N   . ASN A 1 9  ? -9.289  -3.090 -3.217  1.00 25.02  ? 9   ASN A N   1 
ATOM   64  C  CA  . ASN A 1 9  ? -9.761  -1.793 -3.691  1.00 26.89  ? 9   ASN A CA  1 
ATOM   65  C  C   . ASN A 1 9  ? -9.177  -0.585 -2.947  1.00 26.78  ? 9   ASN A C   1 
ATOM   66  O  O   . ASN A 1 9  ? -9.809  0.468  -2.867  1.00 27.54  ? 9   ASN A O   1 
ATOM   67  C  CB  . ASN A 1 9  ? -11.301 -1.745 -3.750  1.00 29.04  ? 9   ASN A CB  1 
ATOM   68  C  CG  . ASN A 1 9  ? -11.966 -2.417 -2.560  1.00 30.79  ? 9   ASN A CG  1 
ATOM   69  O  OD1 . ASN A 1 9  ? -12.943 -3.149 -2.720  1.00 32.54  ? 9   ASN A OD1 1 
ATOM   70  N  ND2 . ASN A 1 9  ? -11.449 -2.167 -1.362  1.00 32.47  ? 9   ASN A ND2 1 
ATOM   71  N  N   . CYS A 1 10 ? -7.962  -0.744 -2.422  1.00 25.69  ? 10  CYS A N   1 
ATOM   72  C  CA  . CYS A 1 10 ? -7.251  0.336  -1.744  1.00 25.73  ? 10  CYS A CA  1 
ATOM   73  C  C   . CYS A 1 10 ? -7.131  1.570  -2.641  1.00 27.03  ? 10  CYS A C   1 
ATOM   74  O  O   . CYS A 1 10 ? -7.534  2.675  -2.277  1.00 28.38  ? 10  CYS A O   1 
ATOM   75  C  CB  . CYS A 1 10 ? -5.860  -0.131 -1.314  1.00 24.35  ? 10  CYS A CB  1 
ATOM   76  S  SG  . CYS A 1 10 ? -5.083  0.910  -0.057  1.00 23.18  ? 10  CYS A SG  1 
ATOM   77  O  OXT . CYS A 1 10 ? -6.636  1.484  -3.764  1.00 28.08  ? 10  CYS A OXT 1 
HETATM 78  C  C   . 22Q B 1 1  ? 16.956  -4.412 1.330   1.00 21.08  ? 1   22Q B C   1 
HETATM 79  N  N   . 22Q B 1 1  ? 19.132  -5.367 1.498   1.00 20.78  ? 1   22Q B N   1 
HETATM 80  S  S   . 22Q B 1 1  ? 16.915  -4.146 3.035   1.00 20.20  ? 1   22Q B S   1 
HETATM 81  C  C1  . 22Q B 1 1  ? 20.172  -6.078 1.019   1.00 21.33  ? 1   22Q B C1  1 
HETATM 82  N  N1  . 22Q B 1 1  ? 18.944  -6.445 -1.034  1.00 21.34  ? 1   22Q B N1  1 
HETATM 83  C  C2  . 22Q B 1 1  ? 17.889  -5.699 -0.506  1.00 21.37  ? 1   22Q B C2  1 
HETATM 84  O  O2  . 22Q B 1 1  ? 16.883  -5.535 -1.195  1.00 21.48  ? 1   22Q B O2  1 
HETATM 85  O  O3  . 22Q B 1 1  ? 21.010  -7.305 -0.754  1.00 22.05  ? 1   22Q B O3  1 
HETATM 86  C  C4  . 22Q B 1 1  ? 21.288  -6.243 1.848   1.00 21.61  ? 1   22Q B C4  1 
HETATM 87  C  C5  . 22Q B 1 1  ? 20.097  -6.640 -0.268  1.00 21.44  ? 1   22Q B C5  1 
HETATM 88  C  C6  . 22Q B 1 1  ? 22.590  -5.515 1.464   1.00 22.02  ? 1   22Q B C6  1 
HETATM 89  C  C7  . 22Q B 1 1  ? 22.369  -4.004 1.329   1.00 22.26  ? 1   22Q B C7  1 
HETATM 90  C  C8  . 22Q B 1 1  ? 23.638  -5.783 2.546   1.00 22.14  ? 1   22Q B C8  1 
HETATM 91  C  CA  . 22Q B 1 1  ? 18.003  -5.165 0.788   1.00 20.81  ? 1   22Q B CA  1 
ATOM   92  N  N   . ALA B 1 2  ? 15.853  -4.001 0.695   1.00 22.30  ? 2   ALA B N   1 
ATOM   93  C  CA  . ALA B 1 2  ? 14.573  -3.422 1.174   1.00 23.07  ? 2   ALA B CA  1 
ATOM   94  C  C   . ALA B 1 2  ? 13.441  -3.934 0.311   1.00 23.34  ? 2   ALA B C   1 
ATOM   95  O  O   . ALA B 1 2  ? 13.662  -4.361 -0.823  1.00 23.65  ? 2   ALA B O   1 
ATOM   96  C  CB  . ALA B 1 2  ? 14.628  -1.902 1.138   1.00 23.16  ? 2   ALA B CB  1 
ATOM   97  N  N   . SER B 1 3  ? 12.235  -3.911 0.862   1.00 23.85  ? 3   SER B N   1 
ATOM   98  C  CA  . SER B 1 3  ? 11.041  -4.270 0.115   1.00 24.19  ? 3   SER B CA  1 
ATOM   99  C  C   . SER B 1 3  ? 9.973   -3.204 0.307   1.00 24.19  ? 3   SER B C   1 
ATOM   100 O  O   . SER B 1 3  ? 9.984   -2.470 1.298   1.00 23.76  ? 3   SER B O   1 
ATOM   101 C  CB  . SER B 1 3  ? 10.516  -5.640 0.545   1.00 25.31  ? 3   SER B CB  1 
ATOM   102 O  OG  . SER B 1 3  ? 10.059  -5.609 1.885   1.00 27.12  ? 3   SER B OG  1 
ATOM   103 N  N   . CYS B 1 4  ? 9.070   -3.114 -0.664  1.00 23.50  ? 4   CYS B N   1 
ATOM   104 C  CA  . CYS B 1 4  ? 7.962   -2.182 -0.595  1.00 23.56  ? 4   CYS B CA  1 
ATOM   105 C  C   . CYS B 1 4  ? 6.914   -2.749 0.334   1.00 23.53  ? 4   CYS B C   1 
ATOM   106 O  O   . CYS B 1 4  ? 6.248   -3.733 0.009   1.00 25.01  ? 4   CYS B O   1 
ATOM   107 C  CB  . CYS B 1 4  ? 7.361   -1.949 -1.975  1.00 23.24  ? 4   CYS B CB  1 
ATOM   108 S  SG  . CYS B 1 4  ? 6.038   -0.726 -1.935  1.00 23.23  ? 4   CYS B SG  1 
ATOM   109 N  N   . SER B 1 5  ? 6.781   -2.134 1.498   1.00 23.12  ? 5   SER B N   1 
ATOM   110 C  CA  . SER B 1 5  ? 5.867   -2.624 2.510   1.00 23.13  ? 5   SER B CA  1 
ATOM   111 C  C   . SER B 1 5  ? 4.512   -1.933 2.399   1.00 22.51  ? 5   SER B C   1 
ATOM   112 O  O   . SER B 1 5  ? 3.520   -2.419 2.950   1.00 23.47  ? 5   SER B O   1 
ATOM   113 C  CB  . SER B 1 5  ? 6.471   -2.420 3.900   1.00 22.91  ? 5   SER B CB  1 
ATOM   114 O  OG  . SER B 1 5  ? 6.847   -1.069 4.085   1.00 23.14  ? 5   SER B OG  1 
HETATM 115 C  C   . 22W B 1 6  ? 4.244   2.527  -2.394  1.00 20.07  ? 6   22W B C   1 
HETATM 116 N  N   . 22W B 1 6  ? 4.453   -0.699 1.858   1.00 20.52  ? 6   22W B N   1 
HETATM 117 O  O1  . 22W B 1 6  ? 1.985   0.295  -0.372  1.00 20.12  ? 6   22W B O1  1 
HETATM 118 S  S   . 22W B 1 6  ? 5.572   3.289  -2.027  1.00 20.49  ? 6   22W B S   1 
HETATM 119 C  CA  . 22W B 1 6  ? 3.269   0.213  1.825   1.00 19.80  ? 6   22W B CA  1 
HETATM 120 C  CB  . 22W B 1 6  ? 3.366   1.321  2.881   1.00 19.96  ? 6   22W B CB  1 
HETATM 121 N  NB  . 22W B 1 6  ? 3.902   1.527  -0.192  1.00 20.07  ? 6   22W B NB  1 
HETATM 122 C  CE  . 22W B 1 6  ? 3.090   0.749  0.408   1.00 19.75  ? 6   22W B CE  1 
HETATM 123 C  CF  . 22W B 1 6  ? 3.535   1.702  -1.392  1.00 20.19  ? 6   22W B CF  1 
HETATM 124 O  O26 . 22W B 1 6  ? 1.654   0.860  -2.622  1.00 20.52  ? 6   22W B O26 1 
HETATM 125 C  C83 . 22W B 1 6  ? 2.310   0.951  -1.604  1.00 19.97  ? 6   22W B C83 1 
HETATM 126 C  CD1 . 22W B 1 6  ? 3.643   1.690  5.365   1.00 20.36  ? 6   22W B CD1 1 
HETATM 127 C  CG1 . 22W B 1 6  ? 3.377   0.681  4.269   1.00 20.16  ? 6   22W B CG1 1 
HETATM 128 C  CG2 . 22W B 1 6  ? 2.164   2.260  2.755   1.00 19.75  ? 6   22W B CG2 1 
ATOM   129 N  N   . GLY B 1 7  ? 3.675   2.540  -3.608  1.00 19.80  ? 7   GLY B N   1 
ATOM   130 C  CA  . GLY B 1 7  ? 4.303   3.120  -4.825  1.00 21.62  ? 7   GLY B CA  1 
ATOM   131 C  C   . GLY B 1 7  ? 3.717   2.527  -6.089  1.00 21.96  ? 7   GLY B C   1 
ATOM   132 O  O   . GLY B 1 7  ? 2.891   1.615  -6.017  1.00 21.60  ? 7   GLY B O   1 
ATOM   133 N  N   . PRO B 1 8  ? 4.141   3.046  -7.260  1.00 23.07  ? 8   PRO B N   1 
ATOM   134 C  CA  . PRO B 1 8  ? 3.639   2.585  -8.564  1.00 23.79  ? 8   PRO B CA  1 
ATOM   135 C  C   . PRO B 1 8  ? 3.858   1.092  -8.826  1.00 24.76  ? 8   PRO B C   1 
ATOM   136 O  O   . PRO B 1 8  ? 2.981   0.436  -9.391  1.00 24.84  ? 8   PRO B O   1 
ATOM   137 C  CB  . PRO B 1 8  ? 4.429   3.441  -9.570  1.00 23.55  ? 8   PRO B CB  1 
ATOM   138 C  CG  . PRO B 1 8  ? 5.602   3.970  -8.805  1.00 22.96  ? 8   PRO B CG  1 
ATOM   139 C  CD  . PRO B 1 8  ? 5.086   4.167  -7.413  1.00 22.68  ? 8   PRO B CD  1 
ATOM   140 N  N   . ASN B 1 9  ? 5.005   0.560  -8.408  1.00 26.02  ? 9   ASN B N   1 
ATOM   141 C  CA  . ASN B 1 9  ? 5.324   -0.847 -8.655  1.00 26.93  ? 9   ASN B CA  1 
ATOM   142 C  C   . ASN B 1 9  ? 5.585   -1.656 -7.377  1.00 26.64  ? 9   ASN B C   1 
ATOM   143 O  O   . ASN B 1 9  ? 6.471   -2.508 -7.337  1.00 27.17  ? 9   ASN B O   1 
ATOM   144 C  CB  . ASN B 1 9  ? 6.484   -0.972 -9.652  1.00 29.18  ? 9   ASN B CB  1 
ATOM   145 C  CG  . ASN B 1 9  ? 7.776   -0.374 -9.135  1.00 31.31  ? 9   ASN B CG  1 
ATOM   146 O  OD1 . ASN B 1 9  ? 7.776   0.480  -8.246  1.00 33.53  ? 9   ASN B OD1 1 
ATOM   147 N  ND2 . ASN B 1 9  ? 8.892   -0.825 -9.695  1.00 32.83  ? 9   ASN B ND2 1 
ATOM   148 N  N   . CYS B 1 10 ? 4.783   -1.393 -6.352  1.00 26.05  ? 10  CYS B N   1 
ATOM   149 C  CA  . CYS B 1 10 ? 4.956   -2.002 -5.035  1.00 26.04  ? 10  CYS B CA  1 
ATOM   150 C  C   . CYS B 1 10 ? 4.770   -3.524 -5.048  1.00 27.45  ? 10  CYS B C   1 
ATOM   151 O  O   . CYS B 1 10 ? 5.575   -4.269 -4.489  1.00 28.81  ? 10  CYS B O   1 
ATOM   152 C  CB  . CYS B 1 10 ? 3.992   -1.368 -4.039  1.00 24.50  ? 10  CYS B CB  1 
ATOM   153 S  SG  . CYS B 1 10 ? 4.350   -1.791 -2.326  1.00 23.78  ? 10  CYS B SG  1 
ATOM   154 O  OXT . CYS B 1 10 ? 3.812   -4.044 -5.617  1.00 28.88  ? 10  CYS B OXT 1 
HETATM 155 CU CU  . CU1 C 2 .  ? -4.822  -1.973 4.168   1.00 19.71  ? 101 CU1 A CU  1 
HETATM 156 CU CU  . CU1 D 2 .  ? 5.814   2.532  0.059   1.00 19.83  ? 101 CU1 B CU  1 
HETATM 157 O  O   . HOH E 3 .  ? -6.534  -4.489 -6.776  1.00 27.22  ? 201 HOH A O   1 
HETATM 158 O  O   . HOH E 3 .  ? -1.672  2.909  8.331   1.00 31.95  ? 202 HOH A O   1 
HETATM 159 O  O   . HOH E 3 .  ? -4.557  -2.681 -4.390  1.00 39.95  ? 203 HOH A O   1 
HETATM 160 O  O   . HOH E 3 .  ? 0.022   5.017  4.762   1.00 34.11  ? 204 HOH A O   1 
HETATM 161 O  O   . HOH E 3 .  ? -14.435 9.029  3.455   1.00 37.59  ? 205 HOH A O   1 
HETATM 162 O  O   . HOH E 3 .  ? -9.721  4.530  0.837   1.00 29.33  ? 206 HOH A O   1 
HETATM 163 O  O   . HOH E 3 .  ? 1.257   3.859  7.194   1.00 33.57  ? 207 HOH A O   1 
HETATM 164 O  O   . HOH E 3 .  ? -9.264  -2.832 0.029   1.00 37.04  ? 208 HOH A O   1 
HETATM 165 O  O   . HOH E 3 .  ? -16.668 11.147 3.075   1.00 41.85  ? 209 HOH A O   1 
HETATM 166 O  O   . HOH E 3 .  ? -18.149 9.116  4.281   1.00 33.26  ? 210 HOH A O   1 
HETATM 167 O  O   . HOH F 3 .  ? 6.489   -0.559 6.615   1.00 31.74  ? 201 HOH B O   1 
HETATM 168 O  O   . HOH F 3 .  ? 0.536   0.999  -10.241 1.00 32.62  ? 202 HOH B O   1 
HETATM 169 O  O   . HOH F 3 .  ? 22.686  -9.371 0.401   1.00 39.78  ? 203 HOH B O   1 
HETATM 170 O  O   . HOH F 3 .  ? 3.493   -6.805 -6.450  1.00 36.12  ? 204 HOH B O   1 
HETATM 171 O  O   . HOH F 3 .  ? 1.697   -1.099 -6.527  1.00 37.69  ? 205 HOH B O   1 
HETATM 172 O  O   . HOH F 3 .  ? 3.079   -2.556 6.043   1.00 41.79  ? 206 HOH B O   1 
HETATM 173 O  O   . HOH F 3 .  ? 21.291  -7.878 -4.593  1.00 38.76  ? 207 HOH B O   1 
HETATM 174 O  O   . HOH F 3 .  ? -1.535  -0.122 -8.333  1.00 101.29 ? 208 HOH B O   1 
HETATM 175 O  O   . HOH F 3 .  ? 4.753   -7.807 -8.937  0.50 45.79  ? 209 HOH B O   1 
HETATM 176 O  O   . HOH F 3 .  ? 18.667  -7.667 -3.583  1.00 29.33  ? 210 HOH B O   1 
HETATM 177 O  O   . HOH F 3 .  ? 17.046  -9.891 -3.182  1.00 35.36  ? 211 HOH B O   1 
HETATM 178 O  O   . HOH F 3 .  ? 7.286   2.131  -6.070  1.00 33.79  ? 212 HOH B O   1 
HETATM 179 O  O   . HOH F 3 .  ? 11.724  -1.862 -3.311  1.00 45.91  ? 213 HOH B O   1 
HETATM 180 O  O   . HOH F 3 .  ? 19.222  -1.327 0.589   1.00 39.96  ? 214 HOH B O   1 
HETATM 181 O  O   . HOH F 3 .  ? 9.542   -4.496 -3.234  1.00 38.36  ? 215 HOH B O   1 
# 
